data_3C6P
#
_entry.id   3C6P
#
_cell.length_a   102.794
_cell.length_b   80.386
_cell.length_c   125.206
_cell.angle_alpha   90.00
_cell.angle_beta   104.72
_cell.angle_gamma   90.00
#
_symmetry.space_group_name_H-M   'P 1 21 1'
#
loop_
_entity.id
_entity.type
_entity.pdbx_description
1 polymer 'SKP1-like protein 1A'
2 polymer 'TRANSPORT INHIBITOR RESPONSE 1'
3 non-polymer 'INOSITOL HEXAKISPHOSPHATE'
4 non-polymer '(2S)-2-(1H-indol-3-yl)pentanoic acid'
5 water water
#
loop_
_entity_poly.entity_id
_entity_poly.type
_entity_poly.pdbx_seq_one_letter_code
_entity_poly.pdbx_strand_id
1 'polypeptide(L)'
;MSAKKIVLKSSDGESFEVEEAVALESQTIAHMVEDDCVDNGVPLPNVTSKILAKVIEYCKRHVEAAASKAEAVEGAATSD
DDLKAWDADFMKIDQATLFELILAANYLNIKNLLDLTCQTVADMIKGKTPEEIRTTFNIKNDFTPEEEEEVRRENQWAFE
;
A
2 'polypeptide(L)'
;MQKRIALSFPEEVLEHVFSFIQLDKDRNSVSLVCKSWYEIERWCRRKVFIGNCYAVSPATVIRRFPKVRSVELKGKPHFA
DFNLVPDGWGGYVYPWIEAMSSSYTWLEEIRLKRMVVTDDCLELIAKSFKNFKVLVLSSCEGFSTDGLAAIAATCRNLKE
LDLRESDVDDVSGHWLSHFPDTYTSLVSLNISCLASEVSFSALERLVTRCPNLKSLKLNRAVPLEKLATLLQRAPQLEEL
GTGGYTAEVRPDVYSGLSVALSGCKELRCLSGFWDAVPAYLPAVYSVCSRLTTLNLSYATVQSYDLVKLLCQCPKLQRLW
VLDYIEDAGLEVLASTCKDLRELRVFPSEPFVMEPNVALTEQGLVSVSMGCPKLESVLYFCRQMTNAALITIARNRPNMT
RFRLCIIEPKAPDYLTLEPLDIGFGAIVEHCKDLRRLSLSGLLTDKVFEYIGTYAKKMEMLSVAFAGDSDLGMHHVLSGC
DSLRKLEIRDCPFGDKALLANASKLETMRSLWMSSCSVSFGACKLLGQKMPKLNVEVIDERGAPDSRPESCPVERVFIYR
TVAGPRFDMPGFVWNMDQDSTMRFSRQIITTNGL
;
B
#
loop_
_chem_comp.id
_chem_comp.type
_chem_comp.name
_chem_comp.formula
2S3 non-polymer '(2S)-2-(1H-indol-3-yl)pentanoic acid' 'C13 H15 N O2'
IHP non-polymer 'INOSITOL HEXAKISPHOSPHATE' 'C6 H18 O24 P6'
#
# COMPACT_ATOMS: atom_id res chain seq x y z
N LEU A 8 -36.22 -25.71 32.92
CA LEU A 8 -35.27 -24.55 32.93
C LEU A 8 -34.88 -24.17 34.37
N LYS A 9 -33.88 -24.85 34.94
CA LYS A 9 -33.55 -24.66 36.39
C LYS A 9 -32.19 -23.98 36.81
N SER A 10 -31.66 -24.36 37.99
CA SER A 10 -30.47 -23.74 38.57
C SER A 10 -30.06 -24.54 39.82
N GLU A 20 -42.69 -23.16 25.56
CA GLU A 20 -41.64 -23.27 24.53
C GLU A 20 -41.34 -21.94 23.76
N ALA A 21 -41.73 -20.80 24.34
CA ALA A 21 -41.75 -19.45 23.68
C ALA A 21 -40.61 -19.13 22.67
N VAL A 22 -39.62 -18.35 23.11
CA VAL A 22 -38.43 -18.05 22.30
C VAL A 22 -37.22 -18.75 22.98
N ALA A 23 -37.47 -19.96 23.46
CA ALA A 23 -36.52 -20.68 24.32
C ALA A 23 -35.70 -21.73 23.55
N LEU A 24 -35.89 -21.79 22.23
CA LEU A 24 -35.14 -22.76 21.43
C LEU A 24 -33.80 -22.22 20.90
N GLU A 25 -33.51 -20.93 21.13
CA GLU A 25 -32.24 -20.28 20.72
C GLU A 25 -31.01 -21.13 21.04
N SER A 26 -30.94 -21.60 22.27
CA SER A 26 -29.88 -22.47 22.70
C SER A 26 -29.94 -23.85 22.01
N GLN A 27 -28.90 -24.18 21.25
CA GLN A 27 -28.81 -25.51 20.67
C GLN A 27 -28.27 -26.46 21.74
N THR A 28 -28.17 -25.97 22.96
CA THR A 28 -27.94 -26.87 24.07
C THR A 28 -29.26 -27.18 24.79
N ILE A 29 -30.15 -27.88 24.10
CA ILE A 29 -31.57 -27.57 24.16
C ILE A 29 -32.32 -28.08 22.94
N ALA A 30 -32.72 -27.14 22.08
CA ALA A 30 -33.58 -27.42 20.95
C ALA A 30 -32.94 -28.48 20.09
N PRO A 43 -34.17 -27.77 31.92
CA PRO A 43 -33.37 -28.41 32.96
C PRO A 43 -31.84 -28.12 32.94
N LEU A 44 -31.39 -26.98 33.53
CA LEU A 44 -29.97 -26.49 33.45
C LEU A 44 -29.13 -26.52 34.76
N PRO A 45 -27.96 -27.21 34.76
CA PRO A 45 -27.06 -27.23 35.94
C PRO A 45 -25.93 -26.15 36.01
N ASN A 46 -25.33 -25.80 34.85
CA ASN A 46 -24.23 -24.82 34.78
C ASN A 46 -24.69 -23.36 34.51
N VAL A 47 -25.83 -22.98 35.07
CA VAL A 47 -26.34 -21.62 34.96
C VAL A 47 -26.98 -21.26 36.28
N THR A 48 -27.11 -19.96 36.54
CA THR A 48 -27.78 -19.50 37.76
C THR A 48 -29.08 -18.74 37.47
N SER A 49 -29.67 -18.17 38.52
CA SER A 49 -30.97 -17.51 38.52
C SER A 49 -30.91 -16.09 37.98
N LYS A 50 -29.97 -15.31 38.48
CA LYS A 50 -29.75 -13.93 38.05
C LYS A 50 -29.22 -13.91 36.62
N ILE A 51 -28.44 -14.94 36.26
CA ILE A 51 -27.94 -15.14 34.88
C ILE A 51 -29.11 -15.40 33.89
N LEU A 52 -29.82 -16.53 34.08
CA LEU A 52 -30.93 -16.95 33.21
C LEU A 52 -31.86 -15.80 32.92
N ALA A 53 -32.09 -14.96 33.93
CA ALA A 53 -32.91 -13.78 33.76
C ALA A 53 -32.36 -12.93 32.61
N LYS A 54 -31.07 -12.56 32.68
CA LYS A 54 -30.46 -11.69 31.68
C LYS A 54 -30.50 -12.23 30.25
N VAL A 55 -30.48 -13.56 30.11
CA VAL A 55 -30.55 -14.22 28.78
C VAL A 55 -31.92 -14.08 28.15
N ILE A 56 -32.93 -14.24 29.00
CA ILE A 56 -34.32 -14.20 28.60
C ILE A 56 -34.68 -12.74 28.32
N GLU A 57 -34.23 -11.83 29.20
CA GLU A 57 -34.24 -10.39 28.95
C GLU A 57 -33.76 -10.05 27.52
N TYR A 58 -33.52 -11.10 26.72
CA TYR A 58 -32.94 -10.95 25.38
C TYR A 58 -33.35 -12.13 24.51
N LEU A 101 -21.46 -15.41 32.18
CA LEU A 101 -22.12 -14.77 31.07
C LEU A 101 -21.74 -15.39 29.73
N ILE A 102 -21.05 -14.62 28.90
CA ILE A 102 -20.39 -15.20 27.75
C ILE A 102 -20.13 -16.64 28.08
N LEU A 103 -19.78 -16.89 29.33
CA LEU A 103 -19.47 -18.24 29.78
C LEU A 103 -20.62 -19.17 29.46
N ALA A 104 -21.59 -18.67 28.72
CA ALA A 104 -22.98 -19.08 28.90
C ALA A 104 -23.70 -19.08 27.56
N ALA A 105 -24.24 -17.92 27.20
CA ALA A 105 -24.06 -17.41 25.85
C ALA A 105 -23.35 -18.46 25.03
N ASN A 106 -22.25 -18.98 25.57
CA ASN A 106 -21.66 -20.22 25.08
C ASN A 106 -22.45 -21.42 25.54
N TYR A 107 -22.04 -21.99 26.65
CA TYR A 107 -22.72 -23.14 27.22
C TYR A 107 -23.91 -23.53 26.36
N LEU A 108 -24.70 -22.51 26.03
CA LEU A 108 -26.05 -22.72 25.51
C LEU A 108 -26.14 -22.78 23.98
N ASN A 109 -25.25 -22.04 23.29
CA ASN A 109 -25.09 -22.05 21.80
C ASN A 109 -25.72 -20.86 21.07
N ILE A 110 -26.21 -19.88 21.83
CA ILE A 110 -26.96 -18.76 21.27
C ILE A 110 -26.08 -17.81 20.43
N LYS A 111 -25.80 -18.23 19.20
CA LYS A 111 -24.69 -17.69 18.39
C LYS A 111 -24.64 -16.15 18.29
N ASN A 112 -25.79 -15.50 18.45
CA ASN A 112 -25.84 -14.05 18.29
C ASN A 112 -25.41 -13.33 19.54
N LEU A 113 -25.63 -13.98 20.68
CA LEU A 113 -25.20 -13.38 21.94
C LEU A 113 -23.71 -13.62 22.18
N LEU A 114 -23.23 -14.79 21.76
CA LEU A 114 -21.79 -15.10 21.70
C LEU A 114 -21.07 -14.06 20.86
N ASP A 115 -21.75 -13.63 19.80
CA ASP A 115 -21.23 -12.65 18.87
C ASP A 115 -21.41 -11.25 19.39
N LEU A 116 -22.34 -11.07 20.34
CA LEU A 116 -22.51 -9.76 20.98
C LEU A 116 -21.29 -9.50 21.85
N THR A 117 -21.10 -10.39 22.81
CA THR A 117 -20.12 -10.18 23.87
C THR A 117 -18.71 -10.29 23.33
N CYS A 118 -18.40 -11.43 22.68
CA CYS A 118 -17.07 -11.63 22.10
C CYS A 118 -16.58 -10.41 21.30
N GLN A 119 -17.50 -9.69 20.67
CA GLN A 119 -17.13 -8.47 19.92
C GLN A 119 -16.75 -7.30 20.83
N THR A 120 -17.65 -6.90 21.71
CA THR A 120 -17.37 -5.75 22.55
C THR A 120 -16.18 -6.02 23.47
N VAL A 121 -16.05 -7.25 23.96
CA VAL A 121 -14.84 -7.73 24.69
C VAL A 121 -13.56 -7.48 23.89
N ALA A 122 -13.55 -7.98 22.66
CA ALA A 122 -12.48 -7.75 21.74
C ALA A 122 -12.15 -6.27 21.66
N ASP A 123 -13.00 -5.43 22.23
CA ASP A 123 -12.77 -3.98 22.19
C ASP A 123 -12.08 -3.48 23.42
N MET A 124 -12.32 -4.14 24.54
CA MET A 124 -11.50 -3.94 25.73
C MET A 124 -10.04 -4.13 25.34
N ILE A 125 -9.84 -4.90 24.27
CA ILE A 125 -8.51 -5.27 23.79
C ILE A 125 -7.99 -4.37 22.68
N LYS A 126 -8.84 -4.05 21.72
CA LYS A 126 -8.38 -3.42 20.49
C LYS A 126 -7.42 -2.33 20.89
N GLY A 127 -6.20 -2.43 20.37
CA GLY A 127 -5.23 -1.35 20.45
C GLY A 127 -4.71 -0.97 21.81
N LYS A 128 -4.55 -1.94 22.70
CA LYS A 128 -3.91 -1.70 23.99
C LYS A 128 -2.63 -2.55 24.09
N THR A 129 -1.62 -2.05 24.82
CA THR A 129 -0.36 -2.80 24.99
C THR A 129 -0.62 -4.18 25.63
N PRO A 130 0.28 -5.17 25.42
CA PRO A 130 0.19 -6.46 26.11
C PRO A 130 0.03 -6.30 27.63
N GLU A 131 0.94 -5.56 28.25
CA GLU A 131 0.77 -5.17 29.66
C GLU A 131 -0.63 -4.54 29.87
N GLU A 132 -0.94 -3.50 29.09
CA GLU A 132 -2.20 -2.77 29.20
C GLU A 132 -3.45 -3.64 29.18
N ILE A 133 -3.36 -4.77 28.48
CA ILE A 133 -4.43 -5.76 28.45
C ILE A 133 -4.45 -6.57 29.73
N ARG A 134 -3.35 -7.23 30.08
CA ARG A 134 -3.33 -8.10 31.27
C ARG A 134 -3.60 -7.36 32.57
N THR A 135 -3.21 -6.07 32.63
CA THR A 135 -3.70 -5.09 33.61
C THR A 135 -5.23 -5.16 33.61
N THR A 136 -5.85 -4.52 32.62
CA THR A 136 -7.32 -4.39 32.50
C THR A 136 -8.08 -5.72 32.25
N PHE A 137 -7.50 -6.84 32.68
CA PHE A 137 -8.09 -8.18 32.67
C PHE A 137 -7.74 -8.80 34.01
N ASN A 138 -6.89 -9.83 34.01
CA ASN A 138 -6.13 -10.23 35.19
C ASN A 138 -5.23 -11.39 34.90
N ILE A 139 -4.42 -11.24 33.87
CA ILE A 139 -3.55 -12.32 33.50
C ILE A 139 -2.17 -12.07 34.09
N LYS A 140 -1.63 -13.09 34.74
CA LYS A 140 -0.26 -13.00 35.13
C LYS A 140 0.58 -13.20 33.86
N ASN A 141 1.49 -12.25 33.63
CA ASN A 141 2.53 -12.43 32.64
C ASN A 141 3.32 -13.67 32.98
N ASP A 142 3.28 -14.70 32.13
CA ASP A 142 4.12 -15.89 32.33
C ASP A 142 5.21 -16.05 31.27
N PHE A 143 5.84 -14.92 30.98
CA PHE A 143 6.93 -14.83 29.99
C PHE A 143 8.33 -14.57 30.62
N THR A 144 9.27 -15.49 30.46
CA THR A 144 10.67 -15.14 30.76
C THR A 144 11.04 -14.07 29.76
N PRO A 145 11.50 -12.89 30.24
CA PRO A 145 12.06 -11.82 29.37
C PRO A 145 12.80 -12.31 28.15
N GLU A 146 13.42 -13.49 28.22
CA GLU A 146 14.04 -14.10 27.03
C GLU A 146 13.00 -14.25 25.92
N GLU A 147 11.89 -14.90 26.27
CA GLU A 147 10.79 -15.25 25.37
C GLU A 147 10.00 -14.02 24.97
N GLU A 148 9.69 -13.17 25.96
CA GLU A 148 9.02 -11.92 25.75
C GLU A 148 9.76 -11.02 24.76
N GLU A 149 11.08 -10.93 24.85
CA GLU A 149 11.83 -10.06 23.93
C GLU A 149 11.97 -10.63 22.52
N GLU A 150 12.09 -11.96 22.41
CA GLU A 150 12.30 -12.57 21.13
C GLU A 150 11.03 -12.60 20.32
N VAL A 151 9.90 -12.73 21.01
CA VAL A 151 8.61 -12.74 20.35
C VAL A 151 8.30 -11.34 19.77
N ARG A 152 8.39 -10.32 20.63
CA ARG A 152 8.27 -8.91 20.25
C ARG A 152 9.16 -8.52 19.07
N ARG A 153 10.37 -9.07 19.04
CA ARG A 153 11.25 -8.87 17.94
C ARG A 153 10.62 -9.47 16.67
N GLU A 154 10.23 -10.73 16.71
CA GLU A 154 9.59 -11.37 15.55
C GLU A 154 8.34 -10.58 15.07
N ASN A 155 7.47 -10.27 16.05
CA ASN A 155 6.23 -9.57 15.85
C ASN A 155 6.49 -8.28 15.09
N GLN A 156 7.47 -7.51 15.56
CA GLN A 156 7.69 -6.19 15.00
C GLN A 156 8.56 -6.20 13.74
N TRP A 157 9.53 -7.09 13.64
CA TRP A 157 10.47 -7.03 12.54
C TRP A 157 9.92 -7.73 11.35
N ALA A 158 9.13 -8.78 11.58
CA ALA A 158 8.66 -9.63 10.48
C ALA A 158 7.19 -9.47 10.13
N PHE A 159 6.37 -9.11 11.12
CA PHE A 159 4.92 -9.31 11.01
C PHE A 159 4.11 -8.09 11.13
N GLU A 160 4.72 -6.96 11.46
CA GLU A 160 3.97 -5.73 11.47
C GLU A 160 4.43 -5.02 10.23
N PRO B 10 -11.46 -18.93 28.32
CA PRO B 10 -11.47 -20.37 27.97
C PRO B 10 -11.39 -20.62 26.45
N GLU B 11 -10.58 -21.59 26.00
CA GLU B 11 -10.12 -21.70 24.58
C GLU B 11 -11.08 -21.25 23.43
N GLU B 12 -12.31 -21.77 23.48
CA GLU B 12 -13.33 -21.53 22.43
C GLU B 12 -13.81 -20.10 22.38
N VAL B 13 -14.17 -19.54 23.55
CA VAL B 13 -14.59 -18.14 23.65
C VAL B 13 -13.45 -17.23 23.28
N LEU B 14 -12.23 -17.64 23.62
CA LEU B 14 -11.07 -16.83 23.25
C LEU B 14 -10.88 -16.83 21.75
N GLU B 15 -11.00 -17.99 21.14
CA GLU B 15 -10.93 -18.01 19.72
C GLU B 15 -11.96 -17.09 19.10
N HIS B 16 -13.16 -17.01 19.69
CA HIS B 16 -14.22 -16.17 19.14
C HIS B 16 -13.94 -14.70 19.32
N VAL B 17 -13.46 -14.31 20.50
CA VAL B 17 -13.04 -12.92 20.70
C VAL B 17 -11.95 -12.55 19.68
N PHE B 18 -11.03 -13.47 19.45
CA PHE B 18 -9.82 -13.21 18.68
C PHE B 18 -10.13 -12.93 17.22
N SER B 19 -11.19 -13.57 16.70
CA SER B 19 -11.51 -13.46 15.27
C SER B 19 -12.04 -12.08 14.93
N PHE B 20 -12.52 -11.35 15.93
CA PHE B 20 -12.86 -9.95 15.74
C PHE B 20 -11.63 -9.07 15.58
N ILE B 21 -10.52 -9.44 16.20
CA ILE B 21 -9.31 -8.63 16.15
C ILE B 21 -8.57 -8.95 14.88
N GLN B 22 -8.51 -8.03 13.93
CA GLN B 22 -7.95 -8.35 12.62
C GLN B 22 -6.76 -7.44 12.24
N LEU B 23 -6.48 -6.44 13.08
CA LEU B 23 -5.31 -5.58 12.87
C LEU B 23 -4.02 -6.28 13.24
N ASP B 24 -3.00 -6.21 12.40
CA ASP B 24 -1.69 -6.77 12.75
C ASP B 24 -1.17 -6.34 14.14
N LYS B 25 -1.04 -5.03 14.36
CA LYS B 25 -0.61 -4.45 15.66
C LYS B 25 -1.36 -4.97 16.85
N ASP B 26 -2.65 -5.25 16.68
CA ASP B 26 -3.47 -5.78 17.75
C ASP B 26 -3.35 -7.28 17.90
N ARG B 27 -2.93 -7.95 16.83
CA ARG B 27 -2.71 -9.38 16.83
C ARG B 27 -1.40 -9.66 17.56
N ASN B 28 -0.40 -8.83 17.28
CA ASN B 28 0.90 -8.96 17.88
C ASN B 28 0.75 -8.67 19.38
N SER B 29 0.04 -7.60 19.64
CA SER B 29 -0.29 -7.24 20.97
C SER B 29 -0.92 -8.42 21.71
N VAL B 30 -1.85 -9.16 21.11
CA VAL B 30 -2.45 -10.25 21.88
C VAL B 30 -1.53 -11.43 21.95
N SER B 31 -0.61 -11.54 21.00
CA SER B 31 0.23 -12.69 21.04
C SER B 31 1.12 -12.50 22.26
N LEU B 32 1.29 -11.27 22.72
CA LEU B 32 2.18 -10.99 23.85
C LEU B 32 1.52 -10.75 25.21
N VAL B 33 0.34 -11.30 25.44
CA VAL B 33 -0.25 -11.09 26.73
C VAL B 33 -0.03 -12.28 27.65
N CYS B 34 0.31 -13.44 27.09
CA CYS B 34 0.71 -14.62 27.89
C CYS B 34 0.89 -15.82 26.99
N LYS B 35 1.63 -16.82 27.46
CA LYS B 35 1.95 -18.03 26.67
C LYS B 35 0.70 -18.67 26.05
N SER B 36 -0.43 -18.55 26.74
CA SER B 36 -1.66 -19.15 26.22
C SER B 36 -2.33 -18.36 25.10
N TRP B 37 -2.47 -17.05 25.30
CA TRP B 37 -2.90 -16.16 24.25
C TRP B 37 -2.00 -16.31 23.01
N TYR B 38 -0.68 -16.39 23.22
CA TYR B 38 0.28 -16.57 22.13
C TYR B 38 -0.03 -17.80 21.30
N GLU B 39 -0.64 -18.80 21.93
CA GLU B 39 -0.89 -20.07 21.23
C GLU B 39 -2.23 -20.13 20.47
N ILE B 40 -3.31 -19.76 21.15
CA ILE B 40 -4.60 -19.58 20.53
C ILE B 40 -4.44 -18.62 19.36
N GLU B 41 -3.74 -17.51 19.59
CA GLU B 41 -3.61 -16.47 18.60
C GLU B 41 -2.96 -16.96 17.36
N ARG B 42 -1.92 -17.74 17.46
CA ARG B 42 -1.20 -18.03 16.23
C ARG B 42 -1.96 -18.99 15.39
N TRP B 43 -2.75 -19.84 16.04
CA TRP B 43 -3.40 -20.94 15.31
C TRP B 43 -4.60 -20.45 14.46
N CYS B 44 -5.23 -19.38 14.94
CA CYS B 44 -6.29 -18.80 14.21
C CYS B 44 -5.90 -17.42 13.66
N ARG B 45 -4.65 -17.29 13.20
CA ARG B 45 -4.32 -16.11 12.41
C ARG B 45 -4.50 -16.34 10.88
N ARG B 46 -5.33 -15.48 10.26
CA ARG B 46 -5.73 -15.62 8.87
C ARG B 46 -4.75 -14.98 7.93
N LYS B 47 -4.22 -13.81 8.31
CA LYS B 47 -3.31 -13.05 7.40
C LYS B 47 -1.96 -12.62 7.96
N VAL B 48 -0.94 -12.75 7.11
CA VAL B 48 0.34 -12.20 7.44
C VAL B 48 0.78 -11.12 6.46
N PHE B 49 1.13 -9.98 7.01
CA PHE B 49 1.75 -8.90 6.24
C PHE B 49 3.24 -9.03 6.41
N ILE B 50 3.96 -9.25 5.32
CA ILE B 50 5.40 -9.32 5.47
C ILE B 50 6.03 -8.17 4.68
N GLY B 51 6.23 -7.05 5.34
CA GLY B 51 6.66 -5.86 4.62
C GLY B 51 7.99 -5.89 3.91
N ASN B 52 8.87 -6.82 4.27
CA ASN B 52 10.21 -6.84 3.71
C ASN B 52 10.53 -8.27 3.78
N CYS B 53 10.64 -8.91 2.64
CA CYS B 53 10.63 -10.36 2.60
C CYS B 53 11.99 -10.96 2.96
N TYR B 54 12.96 -10.12 3.20
CA TYR B 54 14.23 -10.66 3.64
C TYR B 54 14.36 -10.58 5.18
N ALA B 55 13.33 -9.99 5.79
CA ALA B 55 13.19 -9.86 7.25
C ALA B 55 12.90 -11.15 8.06
N VAL B 56 12.62 -12.25 7.38
CA VAL B 56 12.17 -13.45 8.07
C VAL B 56 12.09 -14.51 6.99
N SER B 57 11.94 -15.76 7.38
CA SER B 57 12.02 -16.80 6.39
C SER B 57 10.67 -17.50 6.19
N PRO B 58 10.46 -18.02 4.99
CA PRO B 58 9.23 -18.76 4.81
C PRO B 58 9.06 -19.71 5.96
N ALA B 59 10.06 -20.55 6.21
CA ALA B 59 9.90 -21.57 7.26
C ALA B 59 9.52 -20.97 8.61
N THR B 60 10.09 -19.83 8.99
CA THR B 60 9.80 -19.31 10.31
C THR B 60 8.33 -19.02 10.39
N VAL B 61 7.85 -18.38 9.32
CA VAL B 61 6.43 -17.96 9.13
C VAL B 61 5.55 -19.19 9.06
N ILE B 62 5.85 -20.08 8.14
CA ILE B 62 4.97 -21.24 8.08
C ILE B 62 4.75 -21.98 9.42
N ARG B 63 5.78 -22.05 10.30
CA ARG B 63 5.52 -22.70 11.59
C ARG B 63 4.89 -21.80 12.64
N ARG B 64 5.08 -20.48 12.60
CA ARG B 64 4.35 -19.76 13.63
C ARG B 64 2.84 -19.71 13.42
N PHE B 65 2.43 -19.75 12.15
CA PHE B 65 1.08 -19.38 11.70
C PHE B 65 0.66 -20.44 10.69
N PRO B 66 0.18 -21.53 11.25
CA PRO B 66 0.05 -22.73 10.48
C PRO B 66 -1.17 -22.65 9.56
N LYS B 67 -2.25 -22.04 10.05
CA LYS B 67 -3.54 -21.94 9.36
C LYS B 67 -3.81 -20.58 8.61
N VAL B 68 -2.80 -20.09 7.93
CA VAL B 68 -2.88 -18.82 7.24
C VAL B 68 -3.60 -18.89 5.88
N ARG B 69 -4.58 -18.01 5.72
CA ARG B 69 -5.34 -17.92 4.48
C ARG B 69 -4.86 -16.84 3.49
N SER B 70 -4.03 -15.91 3.93
CA SER B 70 -3.78 -14.72 3.15
C SER B 70 -2.37 -14.18 3.37
N VAL B 71 -1.64 -14.03 2.29
CA VAL B 71 -0.26 -13.62 2.42
C VAL B 71 0.06 -12.40 1.57
N GLU B 72 0.56 -11.36 2.24
CA GLU B 72 1.10 -10.18 1.52
C GLU B 72 2.54 -10.00 1.78
N LEU B 73 3.32 -9.84 0.73
CA LEU B 73 4.75 -9.71 0.84
C LEU B 73 5.33 -8.57 -0.02
N LYS B 74 6.27 -7.75 0.46
CA LYS B 74 6.91 -6.74 -0.39
C LYS B 74 8.43 -7.01 -0.59
N GLY B 75 8.97 -6.79 -1.80
CA GLY B 75 10.31 -7.15 -2.23
C GLY B 75 11.28 -5.95 -2.26
N LYS B 76 11.74 -5.57 -3.45
CA LYS B 76 12.68 -4.48 -3.59
C LYS B 76 12.16 -3.24 -2.89
N PRO B 77 13.07 -2.40 -2.34
CA PRO B 77 12.54 -1.12 -1.76
C PRO B 77 12.04 -0.13 -2.82
N HIS B 78 11.26 0.82 -2.35
CA HIS B 78 10.64 1.80 -3.15
C HIS B 78 11.50 2.52 -4.25
N PHE B 79 12.80 2.70 -4.03
CA PHE B 79 13.66 3.38 -5.00
C PHE B 79 14.03 2.46 -6.17
N ALA B 80 13.43 1.28 -6.20
CA ALA B 80 13.47 0.51 -7.42
C ALA B 80 12.63 1.19 -8.52
N ASP B 81 11.56 1.91 -8.12
CA ASP B 81 10.77 2.69 -9.08
C ASP B 81 11.58 3.79 -9.76
N PHE B 82 12.66 4.26 -9.16
CA PHE B 82 13.48 5.28 -9.81
C PHE B 82 14.65 4.66 -10.54
N ASN B 83 14.41 3.44 -11.01
CA ASN B 83 15.38 2.59 -11.70
C ASN B 83 16.77 2.46 -10.99
N LEU B 84 16.76 2.45 -9.66
CA LEU B 84 18.00 2.54 -8.83
C LEU B 84 18.42 1.24 -8.17
N VAL B 85 17.67 0.15 -8.41
CA VAL B 85 17.99 -1.19 -7.88
C VAL B 85 18.16 -2.12 -9.10
N PRO B 86 19.41 -2.49 -9.42
CA PRO B 86 19.73 -3.18 -10.68
C PRO B 86 19.11 -4.54 -10.75
N ASP B 87 18.97 -5.08 -11.96
CA ASP B 87 18.21 -6.33 -12.17
C ASP B 87 19.06 -7.43 -11.62
N GLY B 88 18.43 -8.40 -10.99
CA GLY B 88 19.16 -9.40 -10.25
C GLY B 88 19.15 -9.14 -8.75
N TRP B 89 18.90 -7.91 -8.32
CA TRP B 89 19.10 -7.59 -6.91
C TRP B 89 18.50 -8.61 -5.95
N GLY B 90 17.30 -9.06 -6.25
CA GLY B 90 16.56 -9.90 -5.32
C GLY B 90 15.11 -9.68 -5.69
N GLY B 91 14.26 -10.05 -4.74
CA GLY B 91 12.85 -10.00 -4.90
C GLY B 91 12.23 -11.37 -4.99
N TYR B 92 13.01 -12.42 -5.16
CA TYR B 92 12.48 -13.70 -5.64
C TYR B 92 11.39 -14.27 -4.79
N VAL B 93 10.26 -14.62 -5.40
CA VAL B 93 9.16 -15.08 -4.59
C VAL B 93 9.07 -16.60 -4.55
N TYR B 94 9.74 -17.26 -5.49
CA TYR B 94 9.57 -18.70 -5.60
C TYR B 94 9.64 -19.42 -4.26
N PRO B 95 10.74 -19.20 -3.50
CA PRO B 95 10.93 -19.82 -2.19
C PRO B 95 9.71 -19.74 -1.31
N TRP B 96 9.05 -18.59 -1.35
CA TRP B 96 7.79 -18.37 -0.61
C TRP B 96 6.66 -19.31 -1.07
N ILE B 97 6.52 -19.39 -2.40
CA ILE B 97 5.51 -20.25 -3.03
C ILE B 97 5.82 -21.71 -2.70
N GLU B 98 7.05 -22.13 -3.02
CA GLU B 98 7.54 -23.48 -2.64
C GLU B 98 7.25 -23.89 -1.22
N ALA B 99 7.58 -23.00 -0.28
CA ALA B 99 7.31 -23.32 1.10
C ALA B 99 5.84 -23.41 1.33
N MET B 100 5.08 -22.36 1.08
CA MET B 100 3.62 -22.37 1.39
C MET B 100 2.87 -23.47 0.62
N SER B 101 3.38 -23.78 -0.56
CA SER B 101 2.80 -24.77 -1.41
C SER B 101 2.45 -26.06 -0.70
N SER B 102 3.37 -26.57 0.14
CA SER B 102 3.16 -27.81 0.90
C SER B 102 2.53 -27.55 2.23
N SER B 103 2.69 -26.35 2.75
CA SER B 103 2.15 -26.12 4.07
C SER B 103 0.77 -25.50 4.07
N TYR B 104 0.49 -24.64 3.09
CA TYR B 104 -0.73 -23.81 3.13
C TYR B 104 -1.85 -24.26 2.17
N THR B 105 -2.37 -25.46 2.39
CA THR B 105 -3.42 -25.99 1.49
C THR B 105 -4.61 -25.03 1.31
N TRP B 106 -5.10 -24.48 2.39
CA TRP B 106 -6.23 -23.63 2.33
C TRP B 106 -5.92 -22.15 1.98
N LEU B 107 -4.81 -21.87 1.27
CA LEU B 107 -4.41 -20.50 1.07
C LEU B 107 -5.37 -19.86 0.08
N GLU B 108 -5.84 -18.67 0.40
CA GLU B 108 -6.79 -17.98 -0.48
C GLU B 108 -6.24 -16.80 -1.25
N GLU B 109 -5.42 -15.98 -0.61
CA GLU B 109 -4.83 -14.83 -1.32
C GLU B 109 -3.29 -14.63 -1.19
N ILE B 110 -2.71 -14.10 -2.25
CA ILE B 110 -1.31 -13.72 -2.34
C ILE B 110 -1.25 -12.35 -3.01
N ARG B 111 -0.93 -11.30 -2.25
CA ARG B 111 -0.76 -9.91 -2.73
C ARG B 111 0.72 -9.67 -2.67
N LEU B 112 1.40 -9.49 -3.79
CA LEU B 112 2.85 -9.26 -3.73
C LEU B 112 3.31 -7.86 -4.26
N LYS B 113 4.32 -7.23 -3.66
CA LYS B 113 4.75 -5.96 -4.21
C LYS B 113 6.26 -5.87 -4.53
N ARG B 114 6.57 -5.38 -5.72
CA ARG B 114 7.91 -5.39 -6.21
C ARG B 114 8.62 -6.70 -5.96
N MET B 115 8.14 -7.78 -6.57
CA MET B 115 8.81 -9.09 -6.45
C MET B 115 9.13 -9.67 -7.76
N VAL B 116 9.99 -10.67 -7.82
CA VAL B 116 10.12 -11.39 -9.07
C VAL B 116 9.17 -12.60 -9.01
N VAL B 117 8.38 -12.78 -10.05
CA VAL B 117 7.39 -13.86 -10.10
C VAL B 117 7.54 -14.48 -11.46
N THR B 118 7.56 -15.81 -11.53
CA THR B 118 7.89 -16.47 -12.80
C THR B 118 6.69 -17.25 -13.20
N ASP B 119 6.70 -17.69 -14.44
CA ASP B 119 5.62 -18.54 -14.87
C ASP B 119 5.57 -19.73 -13.96
N ASP B 120 6.73 -20.19 -13.56
CA ASP B 120 6.84 -21.28 -12.60
C ASP B 120 6.06 -21.09 -11.33
N CYS B 121 6.20 -19.92 -10.74
CA CYS B 121 5.51 -19.58 -9.51
C CYS B 121 4.01 -19.67 -9.68
N LEU B 122 3.54 -19.28 -10.88
CA LEU B 122 2.13 -19.12 -11.13
C LEU B 122 1.60 -20.48 -11.33
N GLU B 123 2.33 -21.28 -12.11
CA GLU B 123 1.97 -22.70 -12.25
C GLU B 123 1.72 -23.32 -10.91
N LEU B 124 2.54 -22.92 -9.96
CA LEU B 124 2.67 -23.66 -8.74
C LEU B 124 1.55 -23.23 -7.86
N ILE B 125 1.28 -21.94 -7.92
CA ILE B 125 0.19 -21.37 -7.15
C ILE B 125 -1.04 -22.15 -7.63
N ALA B 126 -1.10 -22.25 -8.95
CA ALA B 126 -2.27 -22.65 -9.64
C ALA B 126 -2.55 -24.08 -9.32
N LYS B 127 -1.51 -24.92 -9.25
CA LYS B 127 -1.78 -26.30 -8.99
C LYS B 127 -1.80 -26.67 -7.50
N SER B 128 -1.19 -25.86 -6.65
CA SER B 128 -1.12 -26.23 -5.26
C SER B 128 -2.29 -25.70 -4.52
N PHE B 129 -2.85 -24.56 -4.96
CA PHE B 129 -3.90 -23.84 -4.19
C PHE B 129 -5.31 -23.96 -4.79
N LYS B 130 -6.18 -24.66 -4.08
CA LYS B 130 -7.47 -24.95 -4.67
C LYS B 130 -8.50 -23.86 -4.37
N ASN B 131 -8.61 -23.46 -3.11
CA ASN B 131 -9.40 -22.32 -2.77
C ASN B 131 -8.83 -20.98 -3.23
N PHE B 132 -7.90 -21.00 -4.19
CA PHE B 132 -7.22 -19.72 -4.52
C PHE B 132 -8.15 -18.66 -5.10
N LYS B 133 -8.12 -17.43 -4.59
CA LYS B 133 -9.12 -16.44 -5.01
C LYS B 133 -8.60 -15.04 -5.30
N VAL B 134 -7.41 -14.70 -4.80
CA VAL B 134 -6.99 -13.32 -4.93
C VAL B 134 -5.54 -13.26 -5.26
N LEU B 135 -5.19 -12.85 -6.47
CA LEU B 135 -3.81 -12.67 -6.88
C LEU B 135 -3.61 -11.22 -7.25
N VAL B 136 -2.79 -10.47 -6.52
CA VAL B 136 -2.49 -9.06 -6.81
C VAL B 136 -0.99 -9.02 -6.98
N LEU B 137 -0.55 -8.48 -8.12
CA LEU B 137 0.85 -8.39 -8.48
C LEU B 137 1.19 -6.92 -8.81
N SER B 138 1.43 -6.16 -7.75
CA SER B 138 1.70 -4.75 -7.82
C SER B 138 3.23 -4.52 -8.16
N SER B 139 3.51 -4.04 -9.36
CA SER B 139 4.87 -3.87 -9.92
C SER B 139 5.76 -5.06 -9.69
N CYS B 140 5.54 -6.11 -10.43
CA CYS B 140 6.33 -7.28 -10.32
C CYS B 140 6.96 -7.45 -11.72
N GLU B 141 7.87 -8.42 -11.87
CA GLU B 141 8.39 -8.82 -13.15
C GLU B 141 8.60 -10.32 -13.27
N GLY B 142 8.95 -10.76 -14.48
CA GLY B 142 9.49 -12.08 -14.71
C GLY B 142 8.51 -13.21 -14.91
N PHE B 143 7.21 -12.88 -15.09
CA PHE B 143 6.27 -13.84 -15.65
C PHE B 143 5.79 -13.34 -17.00
N SER B 144 5.12 -14.18 -17.77
CA SER B 144 4.62 -13.73 -19.05
C SER B 144 3.14 -14.09 -19.10
N THR B 145 2.51 -13.81 -20.24
CA THR B 145 1.10 -14.19 -20.45
C THR B 145 0.92 -15.70 -20.36
N ASP B 146 1.97 -16.46 -20.72
CA ASP B 146 1.99 -17.92 -20.45
C ASP B 146 1.67 -18.17 -19.00
N GLY B 147 2.28 -17.36 -18.13
CA GLY B 147 2.03 -17.48 -16.69
C GLY B 147 0.57 -17.29 -16.41
N LEU B 148 0.01 -16.25 -17.01
CA LEU B 148 -1.39 -15.87 -16.78
C LEU B 148 -2.35 -16.97 -17.28
N ALA B 149 -2.05 -17.52 -18.48
CA ALA B 149 -2.85 -18.61 -19.03
C ALA B 149 -3.14 -19.65 -17.97
N ALA B 150 -2.07 -20.01 -17.24
CA ALA B 150 -2.09 -21.10 -16.29
C ALA B 150 -3.10 -20.86 -15.18
N ILE B 151 -3.13 -19.61 -14.75
CA ILE B 151 -4.02 -19.19 -13.70
C ILE B 151 -5.44 -19.23 -14.22
N ALA B 152 -5.67 -18.63 -15.37
CA ALA B 152 -6.99 -18.69 -16.08
C ALA B 152 -7.52 -20.13 -16.24
N ALA B 153 -6.70 -20.99 -16.84
CA ALA B 153 -7.00 -22.40 -16.94
C ALA B 153 -7.43 -23.12 -15.63
N THR B 154 -6.70 -22.89 -14.54
CA THR B 154 -6.67 -23.87 -13.46
C THR B 154 -7.38 -23.43 -12.19
N CYS B 155 -7.47 -22.12 -11.99
CA CYS B 155 -7.97 -21.60 -10.70
C CYS B 155 -9.47 -21.51 -10.61
N ARG B 156 -10.12 -22.66 -10.40
CA ARG B 156 -11.57 -22.69 -10.50
C ARG B 156 -12.25 -21.52 -9.77
N ASN B 157 -11.67 -21.05 -8.68
CA ASN B 157 -12.36 -20.17 -7.74
C ASN B 157 -11.97 -18.69 -7.69
N LEU B 158 -11.18 -18.28 -8.67
CA LEU B 158 -10.57 -16.98 -8.68
C LEU B 158 -11.59 -15.85 -8.59
N LYS B 159 -11.36 -14.90 -7.68
CA LYS B 159 -12.16 -13.68 -7.59
C LYS B 159 -11.46 -12.39 -8.02
N GLU B 160 -10.14 -12.31 -7.88
CA GLU B 160 -9.40 -11.08 -8.23
C GLU B 160 -8.16 -11.43 -8.96
N LEU B 161 -7.98 -10.88 -10.15
CA LEU B 161 -6.70 -10.93 -10.84
C LEU B 161 -6.26 -9.48 -11.13
N ASP B 162 -5.28 -9.00 -10.37
CA ASP B 162 -4.98 -7.58 -10.40
C ASP B 162 -3.52 -7.28 -10.73
N LEU B 163 -3.23 -6.77 -11.92
CA LEU B 163 -1.86 -6.64 -12.25
C LEU B 163 -1.31 -5.22 -12.29
N ARG B 164 -1.77 -4.32 -11.40
CA ARG B 164 -1.17 -2.97 -11.33
C ARG B 164 0.33 -2.83 -11.56
N GLU B 165 0.72 -1.72 -12.17
CA GLU B 165 1.97 -1.52 -12.93
C GLU B 165 3.02 -2.60 -12.97
N SER B 166 2.56 -3.83 -13.09
CA SER B 166 3.45 -4.90 -13.36
C SER B 166 4.02 -4.84 -14.73
N ASP B 167 5.13 -5.53 -14.88
CA ASP B 167 5.82 -5.50 -16.12
C ASP B 167 5.86 -6.93 -16.70
N VAL B 168 4.82 -7.27 -17.47
CA VAL B 168 4.67 -8.61 -18.07
C VAL B 168 5.41 -8.90 -19.40
N ASP B 169 5.81 -10.15 -19.61
CA ASP B 169 6.23 -10.53 -20.94
C ASP B 169 4.98 -10.82 -21.81
N ASP B 170 4.74 -9.96 -22.81
CA ASP B 170 3.56 -10.08 -23.71
C ASP B 170 3.88 -11.10 -24.78
N VAL B 171 3.51 -12.33 -24.47
CA VAL B 171 3.63 -13.39 -25.43
C VAL B 171 2.35 -13.38 -26.29
N SER B 172 1.20 -12.99 -25.71
CA SER B 172 -0.07 -12.93 -26.47
C SER B 172 -1.33 -12.68 -25.64
N GLY B 173 -2.29 -11.97 -26.22
CA GLY B 173 -3.61 -11.85 -25.62
C GLY B 173 -4.39 -13.14 -25.35
N HIS B 174 -3.88 -14.29 -25.86
CA HIS B 174 -4.64 -15.58 -25.81
C HIS B 174 -4.81 -16.14 -24.40
N TRP B 175 -4.06 -15.61 -23.44
CA TRP B 175 -4.12 -16.11 -22.06
C TRP B 175 -5.55 -16.02 -21.53
N LEU B 176 -6.23 -14.89 -21.77
CA LEU B 176 -7.57 -14.70 -21.20
C LEU B 176 -8.65 -15.76 -21.66
N SER B 177 -8.49 -16.34 -22.86
CA SER B 177 -9.46 -17.35 -23.34
C SER B 177 -9.25 -18.65 -22.64
N HIS B 178 -8.05 -18.87 -22.09
CA HIS B 178 -7.79 -20.11 -21.37
C HIS B 178 -8.77 -20.21 -20.12
N PHE B 179 -9.45 -19.12 -19.75
CA PHE B 179 -10.49 -19.20 -18.71
C PHE B 179 -11.63 -20.05 -19.17
N PRO B 180 -11.91 -21.18 -18.50
CA PRO B 180 -13.03 -22.05 -18.92
C PRO B 180 -14.46 -21.46 -18.80
N ASP B 181 -15.39 -22.04 -19.53
CA ASP B 181 -16.77 -21.56 -19.61
C ASP B 181 -17.57 -21.76 -18.36
N THR B 182 -17.06 -22.54 -17.43
CA THR B 182 -17.79 -22.74 -16.20
C THR B 182 -17.43 -21.62 -15.27
N TYR B 183 -16.37 -20.88 -15.63
CA TYR B 183 -15.86 -19.86 -14.72
C TYR B 183 -16.79 -18.68 -14.68
N THR B 184 -17.14 -18.28 -13.45
CA THR B 184 -18.03 -17.16 -13.25
C THR B 184 -17.67 -16.27 -12.05
N SER B 185 -16.62 -16.59 -11.29
CA SER B 185 -16.54 -15.96 -9.95
C SER B 185 -15.87 -14.59 -9.85
N LEU B 186 -15.39 -14.10 -11.00
CA LEU B 186 -14.57 -12.88 -11.11
C LEU B 186 -15.15 -11.69 -10.44
N VAL B 187 -14.40 -11.04 -9.57
CA VAL B 187 -14.88 -9.84 -8.91
C VAL B 187 -14.12 -8.64 -9.42
N SER B 188 -12.87 -8.84 -9.88
CA SER B 188 -11.98 -7.75 -10.09
C SER B 188 -10.94 -8.07 -11.15
N LEU B 189 -10.87 -7.27 -12.22
CA LEU B 189 -9.86 -7.58 -13.21
C LEU B 189 -9.08 -6.32 -13.51
N ASN B 190 -7.75 -6.34 -13.36
CA ASN B 190 -7.01 -5.17 -13.71
C ASN B 190 -5.99 -5.66 -14.68
N ILE B 191 -6.11 -5.24 -15.94
CA ILE B 191 -5.17 -5.67 -16.92
C ILE B 191 -4.59 -4.46 -17.63
N SER B 192 -4.70 -3.25 -17.05
CA SER B 192 -4.11 -2.03 -17.65
C SER B 192 -2.65 -2.08 -18.08
N CYS B 193 -1.83 -2.93 -17.48
CA CYS B 193 -0.40 -2.89 -17.87
C CYS B 193 -0.11 -3.84 -19.03
N LEU B 194 -1.05 -4.72 -19.34
CA LEU B 194 -0.87 -5.58 -20.49
C LEU B 194 -0.81 -4.76 -21.77
N ALA B 195 -0.01 -5.16 -22.76
CA ALA B 195 -0.09 -4.57 -24.12
C ALA B 195 -0.67 -5.60 -25.13
N SER B 196 -0.28 -6.87 -24.99
CA SER B 196 -1.00 -8.02 -25.50
C SER B 196 -2.47 -7.60 -25.64
N GLU B 197 -2.97 -7.58 -26.87
CA GLU B 197 -4.37 -7.31 -27.05
C GLU B 197 -5.13 -8.56 -26.74
N VAL B 198 -5.98 -8.48 -25.73
CA VAL B 198 -6.83 -9.59 -25.39
C VAL B 198 -7.92 -9.74 -26.47
N SER B 199 -8.26 -10.98 -26.79
CA SER B 199 -9.40 -11.32 -27.64
C SER B 199 -10.68 -10.66 -27.20
N PHE B 200 -11.30 -9.84 -28.06
CA PHE B 200 -12.46 -9.17 -27.56
C PHE B 200 -13.68 -10.08 -27.21
N SER B 201 -13.98 -11.08 -28.06
CA SER B 201 -15.10 -12.02 -27.85
C SER B 201 -14.94 -12.62 -26.48
N ALA B 202 -13.76 -13.21 -26.27
CA ALA B 202 -13.41 -13.83 -24.98
C ALA B 202 -13.70 -12.86 -23.83
N LEU B 203 -13.15 -11.67 -23.94
CA LEU B 203 -13.39 -10.73 -22.88
C LEU B 203 -14.87 -10.50 -22.72
N GLU B 204 -15.59 -10.35 -23.84
CA GLU B 204 -17.00 -10.09 -23.69
C GLU B 204 -17.80 -11.21 -23.05
N ARG B 205 -17.56 -12.44 -23.47
CA ARG B 205 -18.27 -13.60 -22.89
C ARG B 205 -17.98 -13.70 -21.40
N LEU B 206 -16.69 -13.50 -21.10
CA LEU B 206 -16.18 -13.36 -19.75
C LEU B 206 -16.97 -12.34 -18.93
N VAL B 207 -16.90 -11.06 -19.27
CA VAL B 207 -17.64 -10.05 -18.52
C VAL B 207 -19.09 -10.48 -18.26
N THR B 208 -19.70 -11.11 -19.27
CA THR B 208 -21.12 -11.49 -19.26
C THR B 208 -21.53 -12.58 -18.25
N ARG B 209 -20.85 -13.72 -18.29
CA ARG B 209 -21.07 -14.80 -17.29
C ARG B 209 -20.48 -14.55 -15.88
N CYS B 210 -19.94 -13.37 -15.59
CA CYS B 210 -19.51 -13.04 -14.19
C CYS B 210 -20.36 -11.94 -13.59
N PRO B 211 -21.45 -12.34 -12.95
CA PRO B 211 -22.41 -11.42 -12.31
C PRO B 211 -21.84 -10.57 -11.17
N ASN B 212 -20.69 -10.97 -10.60
CA ASN B 212 -20.19 -10.29 -9.40
C ASN B 212 -19.03 -9.38 -9.64
N LEU B 213 -18.72 -9.20 -10.91
CA LEU B 213 -17.58 -8.44 -11.27
C LEU B 213 -17.81 -6.93 -10.99
N LYS B 214 -17.18 -6.36 -9.96
CA LYS B 214 -17.35 -4.94 -9.65
C LYS B 214 -16.27 -3.96 -10.16
N SER B 215 -15.10 -4.47 -10.55
CA SER B 215 -13.97 -3.61 -10.92
C SER B 215 -13.47 -4.09 -12.25
N LEU B 216 -13.50 -3.31 -13.32
CA LEU B 216 -12.91 -3.81 -14.50
C LEU B 216 -12.03 -2.75 -15.07
N LYS B 217 -10.77 -3.12 -15.32
CA LYS B 217 -9.70 -2.17 -15.70
C LYS B 217 -9.02 -2.66 -16.93
N LEU B 218 -9.17 -1.91 -17.99
CA LEU B 218 -8.89 -2.44 -19.28
C LEU B 218 -7.56 -2.00 -19.74
N ASN B 219 -7.03 -2.68 -20.75
CA ASN B 219 -5.86 -2.15 -21.41
C ASN B 219 -6.08 -1.29 -22.64
N ARG B 220 -5.01 -0.67 -23.06
CA ARG B 220 -5.12 0.28 -24.10
C ARG B 220 -5.73 -0.34 -25.35
N ALA B 221 -5.59 -1.65 -25.52
CA ALA B 221 -5.97 -2.36 -26.74
C ALA B 221 -7.48 -2.49 -26.93
N VAL B 222 -8.26 -2.16 -25.88
CA VAL B 222 -9.69 -2.17 -26.01
C VAL B 222 -10.04 -0.77 -26.51
N PRO B 223 -10.63 -0.68 -27.72
CA PRO B 223 -10.94 0.63 -28.25
C PRO B 223 -12.20 1.26 -27.67
N LEU B 224 -12.22 2.59 -27.68
CA LEU B 224 -13.38 3.34 -27.23
C LEU B 224 -14.66 2.77 -27.81
N GLU B 225 -14.65 2.60 -29.12
CA GLU B 225 -15.74 1.95 -29.85
C GLU B 225 -16.29 0.64 -29.21
N LYS B 226 -15.57 0.01 -28.27
CA LYS B 226 -16.04 -1.30 -27.85
C LYS B 226 -16.41 -1.28 -26.46
N LEU B 227 -16.16 -0.15 -25.84
CA LEU B 227 -16.44 0.02 -24.44
C LEU B 227 -17.90 -0.12 -24.08
N ALA B 228 -18.74 0.48 -24.90
CA ALA B 228 -20.19 0.54 -24.70
C ALA B 228 -20.81 -0.85 -24.54
N THR B 229 -20.36 -1.79 -25.39
CA THR B 229 -20.74 -3.19 -25.37
C THR B 229 -20.40 -3.89 -24.06
N LEU B 230 -19.14 -3.80 -23.65
CA LEU B 230 -18.74 -4.25 -22.30
C LEU B 230 -19.61 -3.67 -21.19
N LEU B 231 -19.84 -2.36 -21.15
CA LEU B 231 -20.66 -1.89 -20.04
C LEU B 231 -22.10 -2.43 -20.00
N GLN B 232 -22.67 -2.80 -21.17
CA GLN B 232 -24.07 -3.29 -21.15
C GLN B 232 -24.09 -4.62 -20.42
N ARG B 233 -23.00 -5.37 -20.57
CA ARG B 233 -22.84 -6.63 -19.87
C ARG B 233 -22.49 -6.46 -18.41
N ALA B 234 -22.09 -5.28 -18.01
CA ALA B 234 -21.57 -5.12 -16.65
C ALA B 234 -22.27 -3.95 -15.95
N PRO B 235 -23.59 -4.01 -15.91
CA PRO B 235 -24.24 -2.81 -15.37
C PRO B 235 -23.91 -2.54 -13.90
N GLN B 236 -23.37 -3.52 -13.18
CA GLN B 236 -23.14 -3.38 -11.71
C GLN B 236 -21.72 -2.87 -11.31
N LEU B 237 -20.84 -2.61 -12.28
CA LEU B 237 -19.53 -1.96 -12.06
C LEU B 237 -19.40 -0.80 -11.01
N GLU B 238 -18.48 -0.97 -10.08
CA GLU B 238 -18.14 0.06 -9.14
C GLU B 238 -16.96 0.86 -9.58
N GLU B 239 -16.09 0.21 -10.35
CA GLU B 239 -14.82 0.79 -10.79
C GLU B 239 -14.66 0.40 -12.21
N LEU B 240 -14.32 1.36 -13.06
CA LEU B 240 -14.00 1.06 -14.42
C LEU B 240 -12.72 1.77 -14.78
N GLY B 241 -11.87 1.06 -15.50
CA GLY B 241 -10.78 1.70 -16.16
C GLY B 241 -11.02 1.52 -17.63
N THR B 242 -11.10 2.64 -18.36
CA THR B 242 -11.48 2.56 -19.75
C THR B 242 -10.34 1.88 -20.47
N GLY B 243 -10.44 1.63 -21.78
CA GLY B 243 -9.29 1.15 -22.55
C GLY B 243 -8.88 2.42 -23.20
N GLY B 244 -8.51 2.35 -24.48
CA GLY B 244 -8.39 3.57 -25.34
C GLY B 244 -9.58 4.56 -25.26
N TYR B 245 -9.31 5.84 -25.38
CA TYR B 245 -10.42 6.74 -25.32
C TYR B 245 -10.34 7.76 -26.44
N THR B 246 -10.16 7.25 -27.66
CA THR B 246 -10.06 8.06 -28.86
C THR B 246 -10.82 7.33 -29.95
N ALA B 247 -11.37 8.09 -30.91
CA ALA B 247 -12.12 7.52 -32.05
C ALA B 247 -12.44 8.64 -32.97
N GLU B 248 -12.78 8.31 -34.22
CA GLU B 248 -13.53 9.24 -35.09
C GLU B 248 -14.78 9.80 -34.34
N VAL B 249 -14.95 11.13 -34.30
CA VAL B 249 -16.13 11.76 -33.64
C VAL B 249 -17.47 11.57 -34.42
N ARG B 250 -18.39 10.82 -33.80
CA ARG B 250 -19.65 10.31 -34.43
C ARG B 250 -20.72 10.22 -33.31
N PRO B 251 -21.93 10.83 -33.51
CA PRO B 251 -22.85 10.76 -32.35
C PRO B 251 -23.52 9.38 -32.10
N ASP B 252 -23.44 8.44 -33.04
CA ASP B 252 -23.88 7.05 -32.67
C ASP B 252 -22.94 6.54 -31.53
N VAL B 253 -21.64 6.56 -31.84
CA VAL B 253 -20.54 6.37 -30.91
C VAL B 253 -20.72 7.12 -29.58
N TYR B 254 -20.82 8.45 -29.62
CA TYR B 254 -20.94 9.19 -28.39
C TYR B 254 -22.16 8.74 -27.56
N SER B 255 -23.20 8.35 -28.25
CA SER B 255 -24.49 8.17 -27.65
C SER B 255 -24.51 6.81 -26.97
N GLY B 256 -23.98 5.80 -27.68
CA GLY B 256 -23.85 4.42 -27.17
C GLY B 256 -23.06 4.44 -25.85
N LEU B 257 -21.97 5.25 -25.86
CA LEU B 257 -21.25 5.54 -24.66
C LEU B 257 -22.15 6.05 -23.61
N SER B 258 -22.73 7.20 -23.86
CA SER B 258 -23.50 7.88 -22.83
C SER B 258 -24.53 6.95 -22.19
N VAL B 259 -25.29 6.27 -23.05
CA VAL B 259 -26.33 5.36 -22.59
C VAL B 259 -25.77 4.33 -21.62
N ALA B 260 -24.78 3.55 -22.10
CA ALA B 260 -24.17 2.37 -21.43
C ALA B 260 -23.67 2.73 -20.06
N LEU B 261 -22.97 3.87 -20.06
CA LEU B 261 -22.37 4.47 -18.88
C LEU B 261 -23.39 4.84 -17.85
N SER B 262 -24.48 5.50 -18.23
CA SER B 262 -25.47 5.88 -17.24
C SER B 262 -26.30 4.69 -16.89
N GLY B 263 -26.17 3.61 -17.63
CA GLY B 263 -26.72 2.33 -17.16
C GLY B 263 -25.96 1.73 -15.97
N CYS B 264 -24.82 2.32 -15.61
CA CYS B 264 -24.02 1.85 -14.48
C CYS B 264 -24.25 2.77 -13.29
N LYS B 265 -25.31 2.50 -12.54
CA LYS B 265 -25.69 3.37 -11.41
C LYS B 265 -24.73 3.28 -10.25
N GLU B 266 -23.93 2.20 -10.21
CA GLU B 266 -23.05 1.95 -9.09
C GLU B 266 -21.58 2.37 -9.29
N LEU B 267 -21.22 2.97 -10.42
CA LEU B 267 -19.87 3.47 -10.69
C LEU B 267 -19.40 4.54 -9.76
N ARG B 268 -18.31 4.26 -9.04
CA ARG B 268 -17.66 5.24 -8.22
C ARG B 268 -16.30 5.70 -8.72
N CYS B 269 -15.65 4.89 -9.55
CA CYS B 269 -14.25 5.12 -9.84
C CYS B 269 -13.91 4.94 -11.25
N LEU B 270 -13.25 5.95 -11.75
CA LEU B 270 -12.99 5.97 -13.12
C LEU B 270 -11.56 6.31 -13.34
N SER B 271 -10.97 5.54 -14.27
CA SER B 271 -9.62 5.81 -14.77
C SER B 271 -9.40 5.32 -16.20
N GLY B 272 -8.17 5.43 -16.68
CA GLY B 272 -7.82 4.90 -17.95
C GLY B 272 -7.62 6.09 -18.88
N PHE B 273 -8.48 6.24 -19.89
CA PHE B 273 -8.57 7.48 -20.63
C PHE B 273 -7.36 7.81 -21.41
N TRP B 274 -6.72 6.81 -21.98
CA TRP B 274 -5.52 7.02 -22.79
C TRP B 274 -5.75 7.71 -24.12
N ASP B 275 -4.88 8.64 -24.50
CA ASP B 275 -5.18 9.49 -25.68
C ASP B 275 -6.61 10.06 -25.73
N ALA B 276 -7.22 10.24 -24.57
CA ALA B 276 -8.59 10.79 -24.48
C ALA B 276 -8.84 11.93 -25.48
N VAL B 277 -9.95 11.83 -26.23
CA VAL B 277 -10.33 12.91 -27.12
C VAL B 277 -11.36 13.76 -26.36
N PRO B 278 -11.09 15.05 -26.18
CA PRO B 278 -11.91 15.98 -25.39
C PRO B 278 -13.41 15.94 -25.71
N ALA B 279 -13.75 15.77 -27.00
CA ALA B 279 -15.11 15.49 -27.48
C ALA B 279 -15.85 14.29 -26.87
N TYR B 280 -15.09 13.29 -26.38
CA TYR B 280 -15.69 12.03 -25.87
C TYR B 280 -15.75 11.92 -24.34
N LEU B 281 -15.11 12.86 -23.66
CA LEU B 281 -15.15 12.94 -22.18
C LEU B 281 -16.53 13.19 -21.61
N PRO B 282 -17.27 14.15 -22.21
CA PRO B 282 -18.63 14.47 -21.70
C PRO B 282 -19.60 13.27 -21.49
N ALA B 283 -19.48 12.21 -22.30
CA ALA B 283 -20.24 10.95 -22.09
C ALA B 283 -20.31 10.46 -20.64
N VAL B 284 -19.35 10.90 -19.83
CA VAL B 284 -19.02 10.31 -18.52
C VAL B 284 -19.74 11.07 -17.37
N TYR B 285 -20.51 12.10 -17.76
CA TYR B 285 -21.17 13.08 -16.86
C TYR B 285 -22.33 12.54 -16.01
N SER B 286 -22.99 11.50 -16.50
CA SER B 286 -23.99 10.73 -15.76
C SER B 286 -23.44 10.27 -14.44
N VAL B 287 -22.29 9.66 -14.59
CA VAL B 287 -21.39 9.21 -13.56
C VAL B 287 -20.93 10.32 -12.59
N CYS B 288 -20.60 11.49 -13.12
CA CYS B 288 -19.80 12.47 -12.40
C CYS B 288 -20.26 12.81 -11.04
N SER B 289 -21.54 12.68 -10.79
CA SER B 289 -22.10 13.30 -9.63
C SER B 289 -22.00 12.29 -8.54
N ARG B 290 -21.62 11.09 -8.87
CA ARG B 290 -21.44 10.14 -7.78
C ARG B 290 -20.00 9.61 -7.60
N LEU B 291 -19.12 10.02 -8.50
CA LEU B 291 -17.72 9.61 -8.49
C LEU B 291 -17.07 10.05 -7.19
N THR B 292 -16.26 9.15 -6.64
CA THR B 292 -15.37 9.45 -5.50
C THR B 292 -13.89 9.42 -5.85
N THR B 293 -13.53 8.53 -6.78
CA THR B 293 -12.19 8.50 -7.34
C THR B 293 -12.18 8.74 -8.79
N LEU B 294 -11.29 9.61 -9.22
CA LEU B 294 -11.07 9.82 -10.64
C LEU B 294 -9.57 9.94 -10.96
N ASN B 295 -9.09 9.15 -11.91
CA ASN B 295 -7.71 9.23 -12.29
C ASN B 295 -7.52 9.61 -13.75
N LEU B 296 -7.08 10.82 -13.95
CA LEU B 296 -6.93 11.33 -15.32
C LEU B 296 -5.47 11.46 -15.72
N SER B 297 -4.62 10.67 -15.04
CA SER B 297 -3.17 10.70 -15.27
C SER B 297 -2.75 10.44 -16.68
N TYR B 298 -3.51 9.68 -17.47
CA TYR B 298 -3.00 9.39 -18.78
C TYR B 298 -3.62 10.26 -19.84
N ALA B 299 -4.37 11.27 -19.42
CA ALA B 299 -5.16 12.02 -20.35
C ALA B 299 -4.52 13.40 -20.57
N THR B 300 -4.25 13.79 -21.80
CA THR B 300 -3.52 15.04 -21.96
C THR B 300 -4.43 16.19 -22.37
N VAL B 301 -5.69 15.96 -22.11
CA VAL B 301 -6.73 16.95 -22.17
C VAL B 301 -6.34 18.31 -21.50
N GLN B 302 -6.79 19.46 -22.03
CA GLN B 302 -6.37 20.74 -21.47
C GLN B 302 -7.27 21.17 -20.34
N SER B 303 -6.96 22.33 -19.80
CA SER B 303 -7.49 22.70 -18.52
C SER B 303 -9.00 22.84 -18.47
N TYR B 304 -9.56 23.73 -19.31
CA TYR B 304 -11.03 23.95 -19.39
C TYR B 304 -11.85 22.64 -19.41
N ASP B 305 -11.45 21.69 -20.28
CA ASP B 305 -11.95 20.33 -20.27
C ASP B 305 -11.95 19.72 -18.87
N LEU B 306 -10.78 19.68 -18.23
CA LEU B 306 -10.76 19.07 -16.95
C LEU B 306 -11.77 19.77 -16.10
N VAL B 307 -11.78 21.12 -16.18
CA VAL B 307 -12.72 21.96 -15.42
C VAL B 307 -14.14 21.50 -15.66
N LYS B 308 -14.52 21.41 -16.94
CA LYS B 308 -15.88 21.00 -17.31
C LYS B 308 -16.26 19.67 -16.64
N LEU B 309 -15.37 18.70 -16.76
CA LEU B 309 -15.46 17.48 -15.95
C LEU B 309 -15.58 17.64 -14.45
N LEU B 310 -14.79 18.53 -13.85
CA LEU B 310 -14.75 18.49 -12.40
C LEU B 310 -15.92 19.14 -11.70
N CYS B 311 -16.53 20.22 -12.25
CA CYS B 311 -17.73 20.82 -11.57
C CYS B 311 -18.86 19.82 -11.39
N GLN B 312 -18.82 18.78 -12.18
CA GLN B 312 -19.78 17.70 -12.04
C GLN B 312 -19.54 16.76 -10.89
N CYS B 313 -18.47 16.93 -10.13
CA CYS B 313 -18.03 15.85 -9.29
C CYS B 313 -18.04 16.14 -7.80
N PRO B 314 -19.13 16.73 -7.26
CA PRO B 314 -19.11 17.09 -5.85
C PRO B 314 -18.69 16.01 -4.86
N LYS B 315 -18.74 14.75 -5.21
CA LYS B 315 -18.46 13.78 -4.15
C LYS B 315 -17.03 13.25 -4.21
N LEU B 316 -16.34 13.67 -5.26
CA LEU B 316 -14.93 13.37 -5.51
C LEU B 316 -14.05 13.42 -4.21
N GLN B 317 -13.27 12.36 -4.00
CA GLN B 317 -12.49 12.19 -2.76
C GLN B 317 -11.01 12.03 -3.11
N ARG B 318 -10.73 11.50 -4.30
CA ARG B 318 -9.41 11.30 -4.78
C ARG B 318 -9.23 11.86 -6.19
N LEU B 319 -8.17 12.61 -6.46
CA LEU B 319 -7.97 13.14 -7.79
C LEU B 319 -6.50 13.07 -8.25
N TRP B 320 -6.24 12.30 -9.30
CA TRP B 320 -4.96 12.25 -9.88
C TRP B 320 -5.10 12.86 -11.27
N VAL B 321 -4.14 13.68 -11.69
CA VAL B 321 -4.31 14.53 -12.87
C VAL B 321 -2.96 15.08 -13.42
N LEU B 322 -2.76 15.22 -14.74
CA LEU B 322 -1.60 16.00 -15.16
C LEU B 322 -1.64 17.49 -14.76
N ASP B 323 -0.54 18.19 -15.01
CA ASP B 323 -0.37 19.57 -14.54
C ASP B 323 -1.17 20.49 -15.48
N TYR B 324 -1.63 19.89 -16.57
CA TYR B 324 -2.59 20.53 -17.48
C TYR B 324 -3.75 21.13 -16.63
N ILE B 325 -4.06 20.57 -15.49
CA ILE B 325 -5.07 21.22 -14.74
C ILE B 325 -4.83 22.71 -14.45
N GLU B 326 -3.61 23.07 -14.01
CA GLU B 326 -3.14 24.44 -13.83
C GLU B 326 -3.74 25.07 -12.62
N ASP B 327 -3.31 26.28 -12.24
CA ASP B 327 -3.86 26.90 -11.02
C ASP B 327 -5.38 27.13 -11.15
N ALA B 328 -5.78 27.72 -12.29
CA ALA B 328 -7.19 27.99 -12.62
C ALA B 328 -7.95 26.70 -12.39
N GLY B 329 -7.51 25.60 -13.06
CA GLY B 329 -7.95 24.25 -12.71
C GLY B 329 -8.26 24.03 -11.22
N LEU B 330 -7.25 24.30 -10.38
CA LEU B 330 -7.32 23.88 -9.00
C LEU B 330 -8.08 24.84 -8.16
N GLU B 331 -8.14 26.10 -8.57
CA GLU B 331 -9.03 27.04 -7.88
C GLU B 331 -10.52 26.53 -7.93
N VAL B 332 -10.91 26.01 -9.11
CA VAL B 332 -12.21 25.41 -9.27
C VAL B 332 -12.38 24.21 -8.35
N LEU B 333 -11.51 23.22 -8.55
CA LEU B 333 -11.42 22.06 -7.66
C LEU B 333 -11.68 22.44 -6.21
N ALA B 334 -11.06 23.55 -5.84
CA ALA B 334 -11.04 23.99 -4.50
C ALA B 334 -12.44 24.44 -4.02
N SER B 335 -13.20 25.12 -4.88
CA SER B 335 -14.59 25.49 -4.50
C SER B 335 -15.53 24.34 -4.71
N THR B 336 -15.36 23.63 -5.82
CA THR B 336 -16.21 22.44 -6.12
C THR B 336 -16.22 21.22 -5.16
N CYS B 337 -15.05 20.66 -4.86
CA CYS B 337 -15.01 19.34 -4.20
C CYS B 337 -14.76 19.42 -2.72
N LYS B 338 -15.70 19.95 -1.97
CA LYS B 338 -15.52 20.04 -0.52
C LYS B 338 -15.17 18.67 0.12
N ASP B 339 -15.26 17.57 -0.64
CA ASP B 339 -14.94 16.32 0.02
C ASP B 339 -13.56 15.74 -0.29
N LEU B 340 -12.73 16.48 -1.04
CA LEU B 340 -11.45 15.99 -1.51
C LEU B 340 -10.58 15.54 -0.34
N ARG B 341 -10.04 14.32 -0.44
CA ARG B 341 -9.12 13.76 0.58
C ARG B 341 -7.67 13.73 0.10
N GLU B 342 -7.46 13.48 -1.17
CA GLU B 342 -6.15 13.23 -1.69
C GLU B 342 -6.04 13.76 -3.09
N LEU B 343 -4.99 14.52 -3.37
CA LEU B 343 -4.80 15.10 -4.68
C LEU B 343 -3.41 14.71 -5.17
N ARG B 344 -3.27 14.32 -6.44
CA ARG B 344 -1.94 14.04 -7.00
C ARG B 344 -1.86 14.72 -8.33
N VAL B 345 -0.92 15.62 -8.47
CA VAL B 345 -0.72 16.33 -9.68
C VAL B 345 0.61 15.85 -10.23
N PHE B 346 0.62 15.35 -11.44
CA PHE B 346 1.79 14.82 -12.07
C PHE B 346 2.28 15.68 -13.19
N PRO B 347 3.52 15.51 -13.60
CA PRO B 347 3.95 16.50 -14.58
C PRO B 347 3.69 16.05 -16.01
N SER B 348 3.50 16.99 -16.91
CA SER B 348 3.25 16.58 -18.24
C SER B 348 4.53 16.48 -18.98
N GLU B 349 5.56 17.16 -18.52
CA GLU B 349 6.82 17.17 -19.26
C GLU B 349 8.01 17.50 -18.41
N PRO B 350 8.52 16.53 -17.65
CA PRO B 350 9.49 16.95 -16.60
C PRO B 350 10.93 17.30 -17.08
N PHE B 351 11.27 16.93 -18.31
CA PHE B 351 12.63 17.19 -18.80
C PHE B 351 12.74 18.53 -19.55
N VAL B 352 11.99 19.49 -19.06
CA VAL B 352 11.90 20.86 -19.59
C VAL B 352 11.73 21.77 -18.34
N MET B 353 12.76 22.56 -18.01
CA MET B 353 12.76 23.41 -16.77
C MET B 353 11.91 24.72 -16.90
N GLU B 354 11.52 25.02 -18.15
CA GLU B 354 10.63 26.14 -18.48
C GLU B 354 9.19 25.69 -18.78
N PRO B 355 8.21 26.30 -18.06
CA PRO B 355 6.83 25.79 -17.96
C PRO B 355 6.17 25.53 -19.31
N ASN B 356 5.34 24.50 -19.40
CA ASN B 356 4.47 24.38 -20.55
C ASN B 356 3.04 24.62 -20.05
N VAL B 357 2.80 24.36 -18.78
CA VAL B 357 1.54 24.70 -18.21
C VAL B 357 1.78 25.82 -17.27
N ALA B 358 0.71 26.38 -16.72
CA ALA B 358 0.80 27.42 -15.75
C ALA B 358 0.47 26.77 -14.43
N LEU B 359 1.24 25.75 -14.05
CA LEU B 359 1.00 25.22 -12.72
C LEU B 359 1.99 25.81 -11.73
N THR B 360 1.55 26.56 -10.72
CA THR B 360 2.49 27.10 -9.77
C THR B 360 2.17 26.65 -8.39
N GLU B 361 2.78 27.28 -7.40
CA GLU B 361 2.52 26.96 -6.03
C GLU B 361 1.13 27.36 -5.79
N GLN B 362 0.70 28.43 -6.46
CA GLN B 362 -0.64 28.97 -6.10
C GLN B 362 -1.72 27.89 -6.15
N GLY B 363 -1.56 27.00 -7.14
CA GLY B 363 -2.39 25.81 -7.23
C GLY B 363 -2.56 25.12 -5.89
N LEU B 364 -1.49 24.53 -5.37
CA LEU B 364 -1.59 23.82 -4.08
C LEU B 364 -2.11 24.67 -2.92
N VAL B 365 -1.79 25.95 -2.97
CA VAL B 365 -2.21 26.85 -1.92
C VAL B 365 -3.72 26.89 -1.93
N SER B 366 -4.30 27.15 -3.11
CA SER B 366 -5.78 27.10 -3.31
C SER B 366 -6.40 25.88 -2.71
N VAL B 367 -5.94 24.72 -3.18
CA VAL B 367 -6.64 23.54 -2.78
C VAL B 367 -6.67 23.53 -1.30
N SER B 368 -5.59 23.99 -0.67
CA SER B 368 -5.45 23.79 0.78
C SER B 368 -6.40 24.58 1.66
N MET B 369 -6.67 25.85 1.31
CA MET B 369 -7.74 26.66 1.95
C MET B 369 -9.14 26.07 1.67
N GLY B 370 -9.30 25.57 0.44
CA GLY B 370 -10.61 25.18 -0.06
C GLY B 370 -11.13 23.81 0.32
N CYS B 371 -10.25 22.90 0.77
CA CYS B 371 -10.69 21.50 1.03
C CYS B 371 -10.45 21.06 2.46
N PRO B 372 -11.40 21.32 3.34
CA PRO B 372 -11.21 20.98 4.77
C PRO B 372 -10.59 19.61 5.02
N LYS B 373 -10.71 18.73 4.06
CA LYS B 373 -10.36 17.37 4.31
C LYS B 373 -9.18 16.88 3.49
N LEU B 374 -8.49 17.76 2.74
CA LEU B 374 -7.24 17.37 2.05
C LEU B 374 -6.20 16.87 3.09
N GLU B 375 -5.78 15.62 2.94
CA GLU B 375 -4.81 15.05 3.86
C GLU B 375 -3.65 14.38 3.11
N SER B 376 -3.82 14.04 1.82
CA SER B 376 -2.73 13.45 1.07
C SER B 376 -2.35 14.28 -0.11
N VAL B 377 -1.07 14.53 -0.31
CA VAL B 377 -0.70 15.36 -1.44
C VAL B 377 0.50 14.82 -2.19
N LEU B 378 0.52 14.94 -3.50
CA LEU B 378 1.65 14.57 -4.30
C LEU B 378 1.69 15.58 -5.43
N TYR B 379 2.63 16.49 -5.50
CA TYR B 379 2.45 17.64 -6.34
C TYR B 379 3.77 17.97 -7.08
N PHE B 380 3.79 18.05 -8.42
CA PHE B 380 4.98 18.47 -9.15
C PHE B 380 4.82 19.87 -9.72
N CYS B 381 5.52 20.87 -9.17
CA CYS B 381 5.67 22.13 -9.86
C CYS B 381 7.10 22.45 -10.12
N ARG B 382 7.30 23.64 -10.65
CA ARG B 382 8.60 24.08 -11.03
C ARG B 382 9.09 25.15 -10.11
N GLN B 383 8.31 25.57 -9.12
CA GLN B 383 8.66 26.78 -8.36
C GLN B 383 7.88 26.72 -7.10
N MET B 384 8.37 27.44 -6.07
CA MET B 384 7.84 27.26 -4.72
C MET B 384 8.36 28.36 -3.78
N THR B 385 7.70 28.56 -2.63
CA THR B 385 8.06 29.62 -1.72
C THR B 385 7.77 29.16 -0.30
N ASN B 386 8.50 29.72 0.67
CA ASN B 386 8.16 29.42 2.06
C ASN B 386 6.80 30.02 2.44
N ALA B 387 6.44 31.11 1.78
CA ALA B 387 5.14 31.75 2.02
C ALA B 387 4.02 30.71 1.71
N ALA B 388 4.10 30.07 0.53
CA ALA B 388 3.18 29.03 0.16
C ALA B 388 3.17 27.87 1.17
N LEU B 389 4.33 27.24 1.41
CA LEU B 389 4.37 26.13 2.39
C LEU B 389 3.85 26.54 3.77
N ILE B 390 4.10 27.80 4.15
CA ILE B 390 3.68 28.27 5.48
C ILE B 390 2.18 28.25 5.51
N THR B 391 1.58 28.96 4.54
CA THR B 391 0.10 28.90 4.38
C THR B 391 -0.45 27.47 4.28
N ILE B 392 0.04 26.68 3.33
CA ILE B 392 -0.40 25.30 3.32
C ILE B 392 -0.46 24.68 4.71
N ALA B 393 0.56 24.94 5.52
CA ALA B 393 0.70 24.18 6.76
C ALA B 393 -0.31 24.75 7.72
N ARG B 394 -0.57 26.04 7.56
CA ARG B 394 -1.50 26.76 8.39
C ARG B 394 -2.90 26.24 8.17
N ASN B 395 -3.27 26.10 6.90
CA ASN B 395 -4.58 25.60 6.55
C ASN B 395 -4.85 24.16 6.86
N ARG B 396 -3.84 23.30 6.65
CA ARG B 396 -4.08 21.88 6.79
C ARG B 396 -3.37 21.20 7.97
N PRO B 397 -3.71 21.60 9.19
CA PRO B 397 -3.07 20.89 10.27
C PRO B 397 -3.31 19.39 10.21
N ASN B 398 -4.20 18.93 9.34
CA ASN B 398 -4.68 17.54 9.43
C ASN B 398 -3.98 16.70 8.39
N MET B 399 -3.14 17.37 7.61
CA MET B 399 -2.31 16.75 6.59
C MET B 399 -1.59 15.49 7.09
N THR B 400 -1.45 14.46 6.26
CA THR B 400 -0.80 13.24 6.75
C THR B 400 0.18 12.62 5.82
N ARG B 401 0.14 12.97 4.55
CA ARG B 401 1.18 12.58 3.59
C ARG B 401 1.41 13.78 2.72
N PHE B 402 2.66 14.24 2.67
CA PHE B 402 2.99 15.41 1.89
C PHE B 402 4.28 15.20 1.11
N ARG B 403 4.14 15.12 -0.20
CA ARG B 403 5.26 14.84 -1.04
C ARG B 403 5.28 15.97 -2.03
N LEU B 404 6.23 16.90 -1.92
CA LEU B 404 6.39 17.94 -2.96
C LEU B 404 7.56 17.59 -3.87
N CYS B 405 7.60 18.12 -5.06
CA CYS B 405 8.66 17.75 -5.91
C CYS B 405 8.90 18.83 -6.94
N ILE B 406 10.01 19.55 -6.81
CA ILE B 406 10.28 20.72 -7.61
C ILE B 406 11.21 20.29 -8.72
N ILE B 407 10.78 20.53 -9.94
CA ILE B 407 11.40 19.91 -11.10
C ILE B 407 12.90 20.12 -11.17
N GLU B 408 13.35 21.37 -11.03
CA GLU B 408 14.78 21.74 -11.09
C GLU B 408 15.32 21.69 -9.70
N PRO B 409 16.44 20.99 -9.51
CA PRO B 409 16.72 20.61 -8.14
C PRO B 409 17.43 21.73 -7.40
N LYS B 410 17.48 21.59 -6.08
CA LYS B 410 18.15 22.56 -5.24
C LYS B 410 17.65 23.97 -5.59
N ALA B 411 16.42 24.04 -6.07
CA ALA B 411 15.79 25.30 -6.37
C ALA B 411 15.29 25.95 -5.09
N PRO B 412 15.65 27.23 -4.88
CA PRO B 412 15.20 28.03 -3.75
C PRO B 412 13.88 28.67 -3.94
N ASP B 413 13.24 29.02 -2.82
CA ASP B 413 12.15 29.96 -2.83
C ASP B 413 12.44 31.01 -3.88
N TYR B 414 11.60 31.17 -4.90
CA TYR B 414 11.95 32.08 -6.04
C TYR B 414 11.67 33.57 -5.77
N LEU B 415 10.88 33.91 -4.76
CA LEU B 415 10.77 35.36 -4.41
C LEU B 415 11.99 35.82 -3.58
N THR B 416 12.15 35.24 -2.38
CA THR B 416 13.24 35.63 -1.49
C THR B 416 14.62 35.02 -1.79
N LEU B 417 14.68 33.91 -2.51
CA LEU B 417 15.93 33.21 -2.87
C LEU B 417 16.42 32.26 -1.79
N GLU B 418 15.93 32.44 -0.58
CA GLU B 418 16.21 31.55 0.53
C GLU B 418 15.96 30.04 0.33
N PRO B 419 16.65 29.19 1.10
CA PRO B 419 16.35 27.78 0.90
C PRO B 419 15.00 27.52 1.57
N LEU B 420 14.40 26.35 1.36
CA LEU B 420 13.00 26.11 1.79
C LEU B 420 12.79 25.54 3.19
N ASP B 421 13.78 25.75 4.04
CA ASP B 421 13.81 25.05 5.29
C ASP B 421 12.58 25.48 6.13
N ILE B 422 12.33 26.77 6.27
CA ILE B 422 11.23 27.20 7.13
C ILE B 422 9.91 26.74 6.53
N GLY B 423 9.89 26.72 5.19
CA GLY B 423 8.77 26.15 4.47
C GLY B 423 8.40 24.81 5.06
N PHE B 424 9.28 23.84 4.78
CA PHE B 424 9.03 22.50 5.21
C PHE B 424 9.01 22.34 6.72
N GLY B 425 9.64 23.30 7.44
CA GLY B 425 9.66 23.34 8.86
C GLY B 425 8.26 23.53 9.35
N ALA B 426 7.57 24.52 8.75
CA ALA B 426 6.14 24.75 9.06
C ALA B 426 5.25 23.51 8.85
N ILE B 427 5.36 22.85 7.69
CA ILE B 427 4.63 21.61 7.51
C ILE B 427 4.82 20.75 8.73
N VAL B 428 6.07 20.31 9.00
CA VAL B 428 6.33 19.36 10.13
C VAL B 428 5.99 19.88 11.51
N GLU B 429 6.08 21.19 11.73
CA GLU B 429 5.61 21.78 12.98
C GLU B 429 4.09 21.72 13.10
N HIS B 430 3.39 22.08 12.06
CA HIS B 430 1.96 22.13 12.15
C HIS B 430 1.18 20.86 11.90
N CYS B 431 1.70 19.93 11.10
CA CYS B 431 0.91 18.76 10.81
C CYS B 431 1.34 17.70 11.72
N LYS B 432 0.90 17.85 12.94
CA LYS B 432 1.28 16.98 14.02
C LYS B 432 1.08 15.48 13.71
N ASP B 433 0.30 15.15 12.66
CA ASP B 433 0.19 13.71 12.30
C ASP B 433 0.79 13.36 10.98
N LEU B 434 1.63 14.26 10.47
CA LEU B 434 2.32 13.96 9.26
C LEU B 434 3.02 12.56 9.32
N ARG B 435 2.51 11.54 8.64
CA ARG B 435 3.18 10.26 8.71
C ARG B 435 4.07 9.94 7.47
N ARG B 436 4.11 10.87 6.51
CA ARG B 436 4.97 10.71 5.31
C ARG B 436 5.33 12.01 4.67
N LEU B 437 6.59 12.13 4.30
CA LEU B 437 7.10 13.39 3.88
C LEU B 437 8.17 13.12 2.91
N SER B 438 8.18 13.97 1.92
CA SER B 438 9.04 13.80 0.85
C SER B 438 9.37 15.23 0.33
N LEU B 439 10.61 15.47 -0.15
CA LEU B 439 11.21 16.85 -0.09
C LEU B 439 12.04 17.24 -1.27
N SER B 440 12.17 18.56 -1.46
CA SER B 440 12.93 19.05 -2.62
C SER B 440 13.09 20.49 -2.51
N GLY B 441 13.77 21.04 -3.51
CA GLY B 441 14.30 22.39 -3.44
C GLY B 441 15.58 22.52 -2.58
N LEU B 442 16.32 23.61 -2.80
CA LEU B 442 17.37 24.08 -1.92
C LEU B 442 16.98 23.86 -0.47
N LEU B 443 17.77 23.04 0.26
CA LEU B 443 17.60 22.73 1.68
C LEU B 443 18.98 22.51 2.33
N THR B 444 19.10 22.92 3.60
CA THR B 444 20.37 22.95 4.32
C THR B 444 20.11 22.04 5.51
N ASP B 445 21.07 21.78 6.38
CA ASP B 445 20.82 20.83 7.47
C ASP B 445 19.72 21.34 8.33
N LYS B 446 19.45 22.63 8.22
CA LYS B 446 18.47 23.22 9.13
C LYS B 446 17.04 22.53 9.05
N VAL B 447 16.58 22.25 7.83
CA VAL B 447 15.30 21.55 7.63
C VAL B 447 15.19 20.28 8.47
N PHE B 448 16.27 19.52 8.47
CA PHE B 448 16.36 18.27 9.22
C PHE B 448 16.34 18.46 10.71
N GLU B 449 16.93 19.55 11.13
CA GLU B 449 16.80 19.86 12.52
C GLU B 449 15.33 20.06 12.80
N TYR B 450 14.70 20.78 11.86
CA TYR B 450 13.24 20.93 11.93
C TYR B 450 12.54 19.57 11.95
N ILE B 451 12.88 18.70 11.01
CA ILE B 451 12.19 17.43 10.98
C ILE B 451 12.38 16.70 12.28
N GLY B 452 13.66 16.67 12.73
CA GLY B 452 14.04 15.93 13.95
C GLY B 452 13.34 16.44 15.20
N THR B 453 13.21 17.77 15.31
CA THR B 453 12.45 18.37 16.44
C THR B 453 10.95 18.06 16.41
N TYR B 454 10.31 18.15 15.23
CA TYR B 454 8.79 18.12 15.04
C TYR B 454 8.11 16.85 14.46
N ALA B 455 8.71 16.27 13.43
CA ALA B 455 8.14 15.14 12.73
C ALA B 455 8.02 13.91 13.61
N LYS B 456 7.24 14.01 14.66
CA LYS B 456 7.35 12.96 15.63
C LYS B 456 6.62 11.69 15.26
N LYS B 457 5.73 11.80 14.27
CA LYS B 457 4.84 10.72 13.89
C LYS B 457 5.21 10.22 12.49
N MET B 458 6.19 10.87 11.90
CA MET B 458 6.56 10.52 10.56
C MET B 458 7.09 9.10 10.44
N GLU B 459 6.70 8.42 9.37
CA GLU B 459 7.13 7.02 9.22
C GLU B 459 8.06 6.88 8.03
N MET B 460 7.87 7.79 7.09
CA MET B 460 8.60 7.60 5.87
C MET B 460 9.13 8.87 5.39
N LEU B 461 10.45 8.96 5.19
CA LEU B 461 10.99 10.18 4.61
C LEU B 461 11.78 9.98 3.34
N SER B 462 11.71 10.88 2.35
CA SER B 462 12.58 10.71 1.17
C SER B 462 13.18 11.99 0.84
N VAL B 463 14.41 11.93 0.34
CA VAL B 463 15.29 13.07 0.33
C VAL B 463 16.21 12.88 -0.85
N ALA B 464 16.47 13.98 -1.56
CA ALA B 464 17.36 13.97 -2.68
C ALA B 464 17.94 15.38 -2.83
N PHE B 465 19.25 15.49 -3.04
CA PHE B 465 19.92 16.79 -3.18
C PHE B 465 19.58 17.83 -2.11
N ALA B 466 19.63 17.39 -0.88
CA ALA B 466 19.31 18.27 0.22
C ALA B 466 20.37 18.05 1.30
N GLY B 467 20.45 18.95 2.27
CA GLY B 467 21.35 18.78 3.41
C GLY B 467 22.78 19.27 3.23
N ASP B 468 23.49 19.42 4.34
CA ASP B 468 24.86 19.98 4.28
C ASP B 468 25.97 19.10 4.73
N SER B 469 25.65 18.19 5.64
CA SER B 469 26.63 17.33 6.29
C SER B 469 25.85 16.31 7.12
N ASP B 470 26.57 15.32 7.67
CA ASP B 470 25.98 14.26 8.48
C ASP B 470 25.17 14.80 9.62
N LEU B 471 25.39 16.07 9.94
CA LEU B 471 24.60 16.69 10.95
C LEU B 471 23.09 16.58 10.62
N GLY B 472 22.72 16.57 9.32
CA GLY B 472 21.36 16.40 8.87
C GLY B 472 20.84 14.98 9.07
N MET B 473 21.48 13.98 8.50
CA MET B 473 20.92 12.69 8.74
C MET B 473 20.83 12.42 10.22
N HIS B 474 21.75 13.09 10.95
CA HIS B 474 21.89 12.84 12.35
C HIS B 474 20.63 13.35 13.04
N HIS B 475 20.27 14.59 12.82
CA HIS B 475 18.96 15.03 13.37
C HIS B 475 17.76 14.15 13.09
N VAL B 476 17.69 13.55 11.91
CA VAL B 476 16.57 12.69 11.58
C VAL B 476 16.66 11.37 12.38
N LEU B 477 17.73 10.63 12.19
CA LEU B 477 17.97 9.46 13.05
C LEU B 477 17.80 9.66 14.56
N SER B 478 18.19 10.83 15.02
CA SER B 478 18.12 11.16 16.43
C SER B 478 16.70 11.64 16.83
N GLY B 479 16.10 12.55 16.05
CA GLY B 479 14.71 12.98 16.33
C GLY B 479 13.43 12.14 16.04
N CYS B 480 13.40 11.30 14.98
CA CYS B 480 12.13 10.86 14.46
C CYS B 480 11.71 9.59 15.12
N ASP B 481 10.92 9.70 16.18
CA ASP B 481 10.55 8.53 16.98
C ASP B 481 9.87 7.42 16.23
N SER B 482 9.01 7.81 15.26
CA SER B 482 8.21 6.85 14.51
C SER B 482 8.81 6.37 13.23
N LEU B 483 9.97 6.92 12.88
CA LEU B 483 10.60 6.59 11.61
C LEU B 483 10.56 5.08 11.37
N ARG B 484 10.02 4.65 10.22
CA ARG B 484 10.14 3.29 9.74
C ARG B 484 11.01 3.15 8.50
N LYS B 485 11.00 4.15 7.58
CA LYS B 485 11.71 4.03 6.29
C LYS B 485 12.41 5.34 5.89
N LEU B 486 13.69 5.30 5.59
CA LEU B 486 14.35 6.52 5.28
C LEU B 486 14.98 6.14 4.02
N GLU B 487 15.16 7.09 3.12
CA GLU B 487 15.75 6.71 1.84
C GLU B 487 16.23 7.98 1.26
N ILE B 488 17.45 7.92 0.71
CA ILE B 488 18.27 9.11 0.50
C ILE B 488 19.10 8.88 -0.72
N ARG B 489 19.24 9.94 -1.51
CA ARG B 489 20.04 9.85 -2.67
C ARG B 489 20.71 11.19 -2.97
N ASP B 490 21.95 11.11 -3.49
CA ASP B 490 22.83 12.28 -3.67
C ASP B 490 22.77 13.39 -2.60
N CYS B 491 22.82 13.06 -1.34
CA CYS B 491 22.99 14.04 -0.29
C CYS B 491 24.36 13.88 0.36
N PRO B 492 24.89 14.97 0.99
CA PRO B 492 26.24 14.93 1.62
C PRO B 492 26.19 14.31 3.05
N PHE B 493 25.86 13.02 3.09
CA PHE B 493 25.62 12.28 4.30
C PHE B 493 26.50 11.07 4.10
N GLY B 494 27.18 10.66 5.18
CA GLY B 494 28.09 9.53 5.17
C GLY B 494 28.19 8.79 6.49
N ASP B 495 29.45 8.48 6.85
CA ASP B 495 29.76 7.61 7.97
C ASP B 495 29.40 8.15 9.35
N LYS B 496 29.59 9.43 9.59
CA LYS B 496 29.46 9.94 10.96
C LYS B 496 28.07 9.72 11.53
N ALA B 497 27.05 10.24 10.81
CA ALA B 497 25.64 10.09 11.21
C ALA B 497 25.16 8.63 11.37
N LEU B 498 25.59 7.80 10.44
CA LEU B 498 25.15 6.44 10.34
C LEU B 498 25.66 5.67 11.56
N LEU B 499 27.00 5.68 11.76
CA LEU B 499 27.58 5.00 12.91
C LEU B 499 27.16 5.63 14.26
N ALA B 500 27.08 6.96 14.33
CA ALA B 500 26.60 7.63 15.54
C ALA B 500 25.28 7.13 15.99
N ASN B 501 24.45 6.67 15.05
CA ASN B 501 23.07 6.38 15.34
C ASN B 501 22.72 4.95 15.06
N ALA B 502 23.70 4.07 15.11
CA ALA B 502 23.46 2.77 14.56
C ALA B 502 22.35 1.94 15.13
N SER B 503 21.86 2.18 16.33
CA SER B 503 20.91 1.25 16.91
C SER B 503 19.50 1.73 16.59
N LYS B 504 19.42 2.98 16.16
CA LYS B 504 18.19 3.46 15.59
C LYS B 504 17.75 2.47 14.51
N LEU B 505 18.74 2.07 13.69
CA LEU B 505 18.51 1.18 12.54
C LEU B 505 17.74 -0.09 12.89
N GLU B 506 17.83 -0.51 14.16
CA GLU B 506 17.06 -1.69 14.60
C GLU B 506 15.58 -1.41 14.79
N THR B 507 15.19 -0.13 14.85
CA THR B 507 13.77 0.22 15.13
C THR B 507 13.09 0.71 13.88
N MET B 508 13.59 0.28 12.74
CA MET B 508 13.31 0.81 11.42
C MET B 508 13.28 -0.36 10.45
N ARG B 509 12.51 -0.26 9.37
CA ARG B 509 12.41 -1.31 8.47
C ARG B 509 13.61 -1.30 7.51
N SER B 510 14.11 -0.13 6.97
CA SER B 510 15.40 0.00 6.13
C SER B 510 15.89 1.38 6.04
N LEU B 511 17.18 1.67 5.58
CA LEU B 511 17.80 2.96 5.13
C LEU B 511 18.24 2.62 3.63
N TRP B 512 17.93 3.43 2.46
CA TRP B 512 18.38 3.23 1.02
C TRP B 512 19.47 4.54 1.19
N MET B 513 20.73 4.47 0.70
CA MET B 513 21.52 5.69 0.58
C MET B 513 22.17 5.27 -0.63
N SER B 514 22.08 6.15 -1.62
CA SER B 514 22.65 5.84 -2.91
C SER B 514 23.22 7.19 -3.40
N SER B 515 24.31 7.13 -4.14
CA SER B 515 25.11 8.32 -4.52
C SER B 515 25.43 9.27 -3.44
N CYS B 516 25.49 8.76 -2.22
CA CYS B 516 25.89 9.57 -1.06
C CYS B 516 27.39 9.40 -0.76
N SER B 517 27.79 9.83 0.43
CA SER B 517 29.18 9.67 0.92
C SER B 517 29.35 8.63 2.02
N VAL B 518 28.79 7.45 1.85
CA VAL B 518 29.01 6.33 2.76
C VAL B 518 30.15 5.44 2.21
N SER B 519 31.22 5.34 3.02
CA SER B 519 32.43 4.61 2.63
C SER B 519 32.27 3.15 2.91
N PHE B 520 32.88 2.35 2.06
CA PHE B 520 32.96 0.91 2.25
C PHE B 520 33.43 0.46 3.68
N GLY B 521 34.51 1.10 4.14
CA GLY B 521 34.99 0.98 5.52
C GLY B 521 33.88 1.12 6.55
N ALA B 522 33.30 2.30 6.64
CA ALA B 522 32.08 2.44 7.45
C ALA B 522 30.96 1.36 7.20
N CYS B 523 30.73 0.87 5.97
CA CYS B 523 29.79 -0.28 5.87
C CYS B 523 30.19 -1.51 6.62
N LYS B 524 31.39 -2.01 6.26
CA LYS B 524 32.15 -3.02 7.06
C LYS B 524 31.95 -2.88 8.54
N LEU B 525 32.26 -1.71 9.10
CA LEU B 525 32.22 -1.58 10.58
C LEU B 525 30.75 -1.75 11.09
N LEU B 526 29.78 -1.11 10.45
CA LEU B 526 28.37 -1.29 10.85
C LEU B 526 27.89 -2.70 10.88
N GLY B 527 28.25 -3.45 9.84
CA GLY B 527 27.94 -4.87 9.73
C GLY B 527 28.47 -5.60 10.94
N GLN B 528 29.73 -5.31 11.30
CA GLN B 528 30.36 -5.84 12.53
C GLN B 528 29.61 -5.48 13.81
N LYS B 529 29.41 -4.19 14.04
CA LYS B 529 28.73 -3.82 15.27
C LYS B 529 27.36 -4.48 15.40
N MET B 530 26.70 -4.71 14.24
CA MET B 530 25.23 -5.08 14.16
C MET B 530 24.90 -6.37 13.42
N PRO B 531 25.20 -7.50 14.05
CA PRO B 531 24.89 -8.79 13.40
C PRO B 531 23.44 -8.91 12.88
N LYS B 532 22.48 -8.35 13.59
CA LYS B 532 21.06 -8.60 13.38
C LYS B 532 20.47 -7.80 12.18
N LEU B 533 21.06 -6.63 11.88
CA LEU B 533 20.95 -5.99 10.62
C LEU B 533 21.55 -6.77 9.47
N ASN B 534 21.32 -6.31 8.24
CA ASN B 534 21.84 -6.88 7.02
C ASN B 534 22.16 -5.62 6.31
N VAL B 535 23.46 -5.38 6.13
CA VAL B 535 23.98 -4.16 5.58
C VAL B 535 24.43 -4.51 4.17
N GLU B 536 23.61 -4.26 3.15
CA GLU B 536 23.97 -4.73 1.82
C GLU B 536 24.56 -3.57 1.08
N VAL B 537 25.69 -3.82 0.40
CA VAL B 537 26.36 -2.86 -0.45
C VAL B 537 26.00 -3.26 -1.85
N ILE B 538 25.36 -2.35 -2.59
CA ILE B 538 25.02 -2.62 -3.98
C ILE B 538 25.85 -1.73 -4.83
N ASP B 539 26.71 -2.37 -5.61
CA ASP B 539 27.80 -1.69 -6.33
C ASP B 539 28.18 -2.46 -7.54
N GLU B 540 28.41 -1.76 -8.64
CA GLU B 540 28.63 -2.45 -9.90
C GLU B 540 30.02 -2.27 -10.51
N ARG B 541 30.98 -1.80 -9.73
CA ARG B 541 32.31 -1.59 -10.34
C ARG B 541 33.31 -2.55 -9.78
N GLY B 542 32.86 -3.78 -9.51
CA GLY B 542 33.73 -4.83 -8.99
C GLY B 542 33.73 -4.88 -7.47
N ALA B 543 34.57 -5.75 -6.91
CA ALA B 543 34.74 -5.87 -5.45
C ALA B 543 35.11 -4.49 -4.83
N PRO B 544 34.55 -4.20 -3.64
CA PRO B 544 34.88 -3.03 -2.84
C PRO B 544 36.26 -3.02 -2.12
N ASP B 545 36.97 -4.14 -2.08
CA ASP B 545 38.40 -4.09 -1.70
C ASP B 545 39.29 -3.75 -2.86
N SER B 546 38.85 -4.02 -4.09
CA SER B 546 39.63 -3.48 -5.23
C SER B 546 39.74 -1.94 -5.13
N ARG B 547 39.09 -1.35 -4.12
CA ARG B 547 39.08 0.10 -3.88
C ARG B 547 39.45 0.37 -2.42
N PRO B 548 40.15 1.48 -2.13
CA PRO B 548 40.43 1.88 -0.72
C PRO B 548 39.19 1.97 0.19
N GLU B 549 39.23 1.27 1.31
CA GLU B 549 38.15 1.37 2.30
C GLU B 549 37.38 2.70 2.38
N SER B 550 38.05 3.80 2.13
CA SER B 550 37.45 5.09 2.42
C SER B 550 36.57 5.63 1.29
N CYS B 551 36.58 4.95 0.13
CA CYS B 551 35.74 5.30 -1.05
C CYS B 551 34.27 5.00 -0.82
N PRO B 552 33.39 5.94 -1.24
CA PRO B 552 31.92 5.76 -1.18
C PRO B 552 31.53 4.58 -2.01
N VAL B 553 30.68 3.72 -1.46
CA VAL B 553 29.93 2.80 -2.29
C VAL B 553 28.80 3.47 -3.11
N GLU B 554 28.44 2.90 -4.25
CA GLU B 554 27.30 3.43 -5.07
C GLU B 554 25.95 3.50 -4.31
N ARG B 555 25.71 2.47 -3.48
CA ARG B 555 24.45 2.32 -2.78
C ARG B 555 24.67 1.41 -1.64
N VAL B 556 24.01 1.68 -0.52
CA VAL B 556 23.98 0.71 0.51
C VAL B 556 22.53 0.57 0.99
N PHE B 557 22.08 -0.63 1.34
CA PHE B 557 20.71 -0.82 1.73
C PHE B 557 20.73 -1.53 3.06
N ILE B 558 20.53 -0.78 4.13
CA ILE B 558 20.51 -1.44 5.43
C ILE B 558 19.08 -1.80 5.78
N TYR B 559 18.86 -2.97 6.41
CA TYR B 559 17.56 -3.41 7.00
C TYR B 559 17.60 -4.51 8.13
N ARG B 560 16.84 -4.30 9.22
CA ARG B 560 16.69 -5.34 10.24
C ARG B 560 16.16 -6.61 9.63
N THR B 561 16.51 -7.77 10.20
CA THR B 561 16.01 -9.08 9.77
C THR B 561 16.21 -10.07 10.89
N VAL B 562 15.46 -11.17 10.89
CA VAL B 562 15.63 -12.23 11.91
C VAL B 562 15.99 -13.51 11.20
N ALA B 563 16.40 -13.38 9.98
CA ALA B 563 16.69 -14.52 9.17
C ALA B 563 18.16 -14.48 8.80
N GLY B 564 18.90 -13.45 9.25
CA GLY B 564 20.31 -13.30 8.92
C GLY B 564 20.48 -13.08 7.44
N PRO B 565 21.71 -13.19 6.90
CA PRO B 565 21.95 -12.81 5.48
C PRO B 565 21.17 -13.67 4.43
N ARG B 566 20.79 -13.08 3.31
CA ARG B 566 20.03 -13.84 2.36
C ARG B 566 20.97 -14.67 1.48
N PHE B 567 20.39 -15.64 0.78
CA PHE B 567 21.15 -16.60 0.00
C PHE B 567 21.18 -16.28 -1.49
N ASP B 568 20.43 -15.28 -1.91
CA ASP B 568 20.17 -15.09 -3.32
C ASP B 568 20.84 -13.83 -3.85
N MET B 569 21.86 -13.37 -3.16
CA MET B 569 22.58 -12.20 -3.61
C MET B 569 23.24 -12.44 -4.94
N PRO B 570 22.77 -11.71 -5.95
CA PRO B 570 23.58 -11.41 -7.13
C PRO B 570 25.03 -11.19 -6.77
N GLY B 571 25.80 -10.71 -7.73
CA GLY B 571 27.24 -10.72 -7.61
C GLY B 571 27.79 -9.34 -7.36
N PHE B 572 26.93 -8.34 -7.51
CA PHE B 572 27.26 -6.98 -7.13
C PHE B 572 26.62 -6.65 -5.81
N VAL B 573 26.38 -7.69 -5.00
CA VAL B 573 25.84 -7.48 -3.68
C VAL B 573 26.61 -8.20 -2.61
N TRP B 574 26.80 -7.52 -1.49
CA TRP B 574 27.77 -7.92 -0.48
C TRP B 574 27.21 -7.64 0.91
N ASN B 575 27.01 -8.70 1.68
CA ASN B 575 26.68 -8.56 3.08
C ASN B 575 27.92 -8.42 3.96
N MET B 576 27.82 -7.64 5.02
CA MET B 576 28.97 -7.39 5.89
C MET B 576 28.76 -7.91 7.30
C1 IHP C . 2.99 1.42 1.68
C2 IHP C . 1.62 1.92 1.30
C3 IHP C . 1.28 3.38 0.94
C4 IHP C . 1.94 3.42 -0.43
C5 IHP C . 3.08 2.46 -0.72
C6 IHP C . 3.80 1.72 0.43
O11 IHP C . 3.50 1.77 2.94
P1 IHP C . 3.68 0.73 4.19
O21 IHP C . 3.93 -0.71 3.80
O31 IHP C . 4.94 1.42 4.65
O41 IHP C . 2.47 0.98 5.06
O12 IHP C . 0.71 1.03 1.84
P2 IHP C . -0.30 1.47 3.00
O22 IHP C . -0.25 0.23 3.93
O32 IHP C . 0.10 2.80 3.66
O42 IHP C . -1.47 1.57 2.03
O13 IHP C . 1.60 4.57 1.67
P3 IHP C . 0.65 5.95 1.79
O23 IHP C . -0.71 5.48 2.28
O33 IHP C . 0.46 6.80 0.54
O43 IHP C . 1.61 6.68 2.76
O14 IHP C . 2.10 4.69 -1.03
P4 IHP C . 1.04 4.97 -2.24
O24 IHP C . 1.84 5.59 -3.37
O34 IHP C . 0.42 3.56 -2.49
O44 IHP C . 0.09 5.98 -1.57
O15 IHP C . 3.85 2.84 -1.88
P5 IHP C . 5.14 3.78 -2.12
O25 IHP C . 6.03 3.55 -0.94
O35 IHP C . 4.73 5.21 -2.23
O45 IHP C . 5.74 3.15 -3.34
O16 IHP C . 5.18 2.00 0.64
P6 IHP C . 6.02 0.68 0.25
O26 IHP C . 5.02 -0.43 -0.08
O36 IHP C . 6.67 0.52 1.61
O46 IHP C . 6.93 1.08 -0.93
OAC 2S3 D . 8.28 9.46 -2.03
CAM 2S3 D . 7.96 10.43 -2.82
OAB 2S3 D . 7.13 11.31 -2.53
CAQ 2S3 D . 8.57 10.68 -4.19
CAK 2S3 D . 7.47 10.94 -5.18
CAJ 2S3 D . 7.78 12.13 -6.10
CAI 2S3 D . 7.17 13.46 -5.69
CAN 2S3 D . 9.57 11.80 -4.05
CAP 2S3 D . 10.93 11.81 -3.79
CAG 2S3 D . 11.81 10.69 -3.65
CAE 2S3 D . 13.16 10.95 -3.41
CAD 2S3 D . 13.57 12.27 -3.32
CAF 2S3 D . 12.72 13.40 -3.47
CAO 2S3 D . 11.33 13.14 -3.70
NL 2S3 D . 10.23 13.98 -3.92
CAH 2S3 D . 9.10 13.18 -4.09
#